data_4K96
#
_entry.id   4K96
#
_cell.length_a   181.910
_cell.length_b   93.801
_cell.length_c   75.509
_cell.angle_alpha   90.00
_cell.angle_beta   97.72
_cell.angle_gamma   90.00
#
_symmetry.space_group_name_H-M   'C 1 2 1'
#
loop_
_entity.id
_entity.type
_entity.pdbx_description
1 polymer 'Cyclic GMP-AMP synthase'
2 polymer DNA-F
3 polymer DNA-R
4 non-polymer 'ZINC ION'
5 water water
#
loop_
_entity_poly.entity_id
_entity_poly.type
_entity_poly.pdbx_seq_one_letter_code
_entity_poly.pdbx_strand_id
1 'polypeptide(L)'
;SPDKLKKVLDKLRLKRKDISEAAETVNKVVERLLRRMQKRESEFKGVEQLNTGSYYEHVKISAPNEFDVMFKLEVPRIEL
QEYYETGAFYLVKFKRIPRGNPLSHFLEGEVLSATKMLSKFRKIIKEEVKEIKDIDVSVEKEKPGSPAVTLLIRNPEEIS
VDIILALESKGSWPISTKEGLPIQGWLGTKVRTNLRREPFYLVPKNAKDGNSFQGETWRLSFSHTEKYILNNHGIEKTCC
ESSGAKCCRKECLKLMKYLLEQLKKEFQELDAFCSYHVKTAIFHMWTQDPQDSQWDPRNLSSCFDKLLAFFLECLRTEKL
DHYFIPKFNLFSQELIDRKSKEFLSKKIEYERNNGFPIFDKL
;
A,B
2 'polydeoxyribonucleotide' (DA)(DA)(DA)(DT)(DT)(DG)(DC)(DC)(DG)(DA)(DA)(DG)(DA)(DC)(DG)(DA)(DA) E,G
3 'polydeoxyribonucleotide' (DT)(DT)(DT)(DC)(DG)(DT)(DC)(DT)(DT)(DC)(DG)(DG)(DC)(DA)(DA)(DT)(DT) F,H
#
loop_
_chem_comp.id
_chem_comp.type
_chem_comp.name
_chem_comp.formula
DA DNA linking 2'-DEOXYADENOSINE-5'-MONOPHOSPHATE 'C10 H14 N5 O6 P'
DC DNA linking 2'-DEOXYCYTIDINE-5'-MONOPHOSPHATE 'C9 H14 N3 O7 P'
DG DNA linking 2'-DEOXYGUANOSINE-5'-MONOPHOSPHATE 'C10 H14 N5 O7 P'
DT DNA linking THYMIDINE-5'-MONOPHOSPHATE 'C10 H15 N2 O8 P'
ZN non-polymer 'ZINC ION' 'Zn 2'
#
# COMPACT_ATOMS: atom_id res chain seq x y z
N LYS A 4 -35.08 -10.07 -8.12
CA LYS A 4 -34.97 -11.48 -7.77
C LYS A 4 -33.65 -11.81 -7.06
N LEU A 5 -32.54 -11.55 -7.75
CA LEU A 5 -31.22 -11.79 -7.17
C LEU A 5 -30.98 -10.84 -6.00
N LYS A 6 -31.55 -9.64 -6.10
CA LYS A 6 -31.41 -8.62 -5.06
C LYS A 6 -32.06 -9.10 -3.76
N LYS A 7 -33.19 -9.78 -3.88
CA LYS A 7 -33.89 -10.34 -2.72
C LYS A 7 -33.12 -11.50 -2.10
N VAL A 8 -32.45 -12.28 -2.94
CA VAL A 8 -31.65 -13.41 -2.46
C VAL A 8 -30.50 -12.91 -1.61
N LEU A 9 -29.83 -11.86 -2.09
CA LEU A 9 -28.73 -11.25 -1.36
C LEU A 9 -29.16 -10.76 0.03
N ASP A 10 -30.37 -10.20 0.11
CA ASP A 10 -30.90 -9.73 1.38
C ASP A 10 -31.11 -10.89 2.36
N LYS A 11 -31.47 -12.05 1.82
CA LYS A 11 -31.65 -13.24 2.64
C LYS A 11 -30.29 -13.78 3.09
N LEU A 12 -29.29 -13.64 2.23
CA LEU A 12 -27.96 -14.15 2.52
C LEU A 12 -27.18 -13.24 3.47
N ARG A 13 -27.58 -11.97 3.52
CA ARG A 13 -26.87 -10.97 4.31
C ARG A 13 -26.84 -11.32 5.79
N LEU A 14 -25.65 -11.25 6.38
CA LEU A 14 -25.46 -11.57 7.79
C LEU A 14 -26.13 -10.53 8.69
N LYS A 15 -26.64 -10.99 9.83
CA LYS A 15 -27.24 -10.09 10.81
C LYS A 15 -26.19 -9.62 11.82
N ARG A 16 -26.23 -8.34 12.16
CA ARG A 16 -25.27 -7.77 13.11
C ARG A 16 -25.32 -8.46 14.47
N LYS A 17 -26.51 -8.74 14.94
CA LYS A 17 -26.70 -9.44 16.21
C LYS A 17 -26.02 -10.81 16.19
N ASP A 18 -26.15 -11.53 15.08
CA ASP A 18 -25.50 -12.83 14.93
C ASP A 18 -23.99 -12.70 14.87
N ILE A 19 -23.51 -11.69 14.14
CA ILE A 19 -22.08 -11.44 14.03
C ILE A 19 -21.46 -11.15 15.39
N SER A 20 -22.08 -10.24 16.15
CA SER A 20 -21.57 -9.86 17.45
C SER A 20 -21.46 -11.05 18.41
N GLU A 21 -22.53 -11.84 18.50
CA GLU A 21 -22.57 -12.98 19.40
C GLU A 21 -21.55 -14.05 19.01
N ALA A 22 -21.40 -14.26 17.71
CA ALA A 22 -20.45 -15.27 17.21
C ALA A 22 -19.01 -14.83 17.41
N ALA A 23 -18.69 -13.62 16.96
CA ALA A 23 -17.33 -13.09 17.03
C ALA A 23 -16.82 -13.00 18.47
N GLU A 24 -17.72 -12.63 19.38
CA GLU A 24 -17.38 -12.52 20.79
C GLU A 24 -16.79 -13.82 21.32
N THR A 25 -17.48 -14.92 21.05
CA THR A 25 -17.06 -16.23 21.54
C THR A 25 -15.81 -16.73 20.82
N VAL A 26 -15.82 -16.61 19.49
CA VAL A 26 -14.68 -17.03 18.67
C VAL A 26 -13.39 -16.32 19.08
N ASN A 27 -13.43 -15.00 19.20
CA ASN A 27 -12.26 -14.24 19.62
C ASN A 27 -11.73 -14.68 20.99
N LYS A 28 -12.63 -14.98 21.90
CA LYS A 28 -12.26 -15.44 23.21
C LYS A 28 -11.45 -16.72 23.14
N VAL A 29 -11.94 -17.68 22.37
CA VAL A 29 -11.27 -18.96 22.19
C VAL A 29 -9.96 -18.88 21.45
N VAL A 30 -9.92 -18.19 20.34
CA VAL A 30 -8.72 -18.08 19.51
C VAL A 30 -7.53 -17.43 20.22
N GLU A 31 -7.79 -16.32 20.92
CA GLU A 31 -6.75 -15.58 21.62
C GLU A 31 -6.11 -16.41 22.74
N ARG A 32 -6.94 -17.15 23.46
CA ARG A 32 -6.47 -18.02 24.54
C ARG A 32 -5.61 -19.14 23.96
N LEU A 33 -6.01 -19.66 22.81
CA LEU A 33 -5.27 -20.74 22.17
C LEU A 33 -3.96 -20.21 21.59
N LEU A 34 -4.01 -19.00 21.03
CA LEU A 34 -2.83 -18.34 20.51
C LEU A 34 -1.85 -18.03 21.63
N ARG A 35 -2.38 -17.70 22.80
CA ARG A 35 -1.55 -17.38 23.96
C ARG A 35 -0.86 -18.62 24.53
N ARG A 36 -1.61 -19.71 24.65
CA ARG A 36 -1.07 -20.98 25.12
C ARG A 36 0.08 -21.45 24.23
N MET A 37 -0.05 -21.20 22.94
CA MET A 37 0.95 -21.57 21.94
C MET A 37 2.23 -20.75 22.14
N GLN A 38 2.13 -19.68 22.93
CA GLN A 38 3.23 -18.72 23.08
C GLN A 38 4.11 -18.95 24.31
N LYS A 39 3.55 -19.64 25.30
CA LYS A 39 4.27 -19.99 26.52
C LYS A 39 5.53 -20.83 26.22
N ARG A 40 6.53 -20.71 27.08
CA ARG A 40 7.83 -21.32 26.86
C ARG A 40 7.77 -22.84 26.71
N GLU A 41 8.88 -23.40 26.22
CA GLU A 41 9.02 -24.83 25.94
C GLU A 41 8.04 -25.31 24.87
N SER A 42 7.50 -24.37 24.10
CA SER A 42 6.62 -24.70 22.99
C SER A 42 7.37 -24.51 21.68
N GLU A 43 7.26 -25.49 20.79
CA GLU A 43 7.91 -25.42 19.49
C GLU A 43 7.25 -24.37 18.59
N PHE A 44 6.03 -23.98 18.91
CA PHE A 44 5.29 -23.00 18.13
C PHE A 44 5.27 -21.63 18.81
N LYS A 45 6.34 -21.32 19.53
CA LYS A 45 6.35 -20.12 20.38
C LYS A 45 6.22 -18.80 19.60
N GLY A 46 6.67 -18.78 18.36
CA GLY A 46 6.65 -17.55 17.58
C GLY A 46 5.45 -17.35 16.67
N VAL A 47 4.46 -18.24 16.75
CA VAL A 47 3.31 -18.17 15.85
C VAL A 47 2.50 -16.88 15.99
N GLU A 48 1.96 -16.41 14.88
CA GLU A 48 1.17 -15.19 14.86
C GLU A 48 -0.16 -15.45 14.14
N GLN A 49 -1.16 -14.65 14.47
CA GLN A 49 -2.51 -14.88 13.95
C GLN A 49 -2.78 -14.09 12.67
N LEU A 50 -3.43 -14.75 11.72
CA LEU A 50 -3.87 -14.09 10.50
C LEU A 50 -5.24 -14.64 10.15
N ASN A 51 -6.26 -13.79 10.28
CA ASN A 51 -7.63 -14.21 9.98
C ASN A 51 -7.88 -14.25 8.48
N THR A 52 -8.46 -15.36 8.01
CA THR A 52 -8.70 -15.57 6.59
C THR A 52 -10.08 -16.15 6.33
N GLY A 53 -10.38 -16.39 5.06
CA GLY A 53 -11.63 -17.04 4.69
C GLY A 53 -12.78 -16.08 4.47
N SER A 54 -13.95 -16.64 4.15
CA SER A 54 -15.12 -15.89 3.72
C SER A 54 -15.57 -14.81 4.70
N TYR A 55 -15.63 -15.14 5.97
CA TYR A 55 -16.07 -14.18 6.99
C TYR A 55 -15.22 -12.91 7.01
N TYR A 56 -13.89 -13.08 6.98
CA TYR A 56 -13.00 -11.92 7.03
C TYR A 56 -12.85 -11.22 5.69
N GLU A 57 -13.38 -11.82 4.63
CA GLU A 57 -13.44 -11.19 3.32
C GLU A 57 -14.80 -10.55 3.09
N HIS A 58 -15.68 -10.69 4.07
CA HIS A 58 -17.06 -10.19 3.98
C HIS A 58 -17.84 -10.82 2.82
N VAL A 59 -17.58 -12.10 2.55
CA VAL A 59 -18.35 -12.83 1.55
C VAL A 59 -19.01 -14.06 2.16
N LYS A 60 -19.05 -14.10 3.48
CA LYS A 60 -19.73 -15.16 4.21
C LYS A 60 -21.24 -14.97 4.07
N ILE A 61 -21.95 -16.06 3.79
CA ILE A 61 -23.40 -15.97 3.58
C ILE A 61 -24.22 -16.67 4.67
N SER A 62 -25.47 -16.24 4.79
CA SER A 62 -26.47 -16.86 5.67
C SER A 62 -26.23 -16.65 7.16
N ALA A 63 -25.13 -17.22 7.67
CA ALA A 63 -24.85 -17.14 9.09
C ALA A 63 -23.34 -17.13 9.35
N PRO A 64 -22.91 -16.40 10.41
CA PRO A 64 -21.50 -16.37 10.80
C PRO A 64 -21.15 -17.60 11.64
N ASN A 65 -21.14 -18.77 11.02
CA ASN A 65 -20.92 -20.02 11.73
C ASN A 65 -19.68 -20.79 11.29
N GLU A 66 -18.85 -20.14 10.47
CA GLU A 66 -17.59 -20.73 10.01
C GLU A 66 -16.49 -19.68 10.01
N PHE A 67 -15.41 -19.96 10.74
CA PHE A 67 -14.29 -19.03 10.85
C PHE A 67 -12.98 -19.74 10.53
N ASP A 68 -12.15 -19.10 9.71
CA ASP A 68 -10.82 -19.62 9.40
C ASP A 68 -9.74 -18.76 10.04
N VAL A 69 -8.83 -19.40 10.75
CA VAL A 69 -7.74 -18.69 11.42
C VAL A 69 -6.41 -19.37 11.11
N MET A 70 -5.44 -18.59 10.64
CA MET A 70 -4.13 -19.13 10.34
C MET A 70 -3.14 -18.82 11.45
N PHE A 71 -2.57 -19.88 12.04
CA PHE A 71 -1.46 -19.70 12.97
C PHE A 71 -0.17 -19.91 12.20
N LYS A 72 0.49 -18.82 11.85
CA LYS A 72 1.64 -18.86 10.96
C LYS A 72 2.97 -18.84 11.71
N LEU A 73 3.86 -19.75 11.33
CA LEU A 73 5.16 -19.86 11.97
C LEU A 73 6.26 -19.42 11.00
N GLU A 74 7.03 -18.42 11.42
CA GLU A 74 8.17 -17.95 10.65
C GLU A 74 9.24 -19.05 10.58
N VAL A 75 9.60 -19.45 9.36
CA VAL A 75 10.61 -20.48 9.16
C VAL A 75 11.72 -20.04 8.20
N PRO A 76 12.72 -19.33 8.74
CA PRO A 76 13.86 -18.83 7.95
C PRO A 76 14.71 -19.97 7.40
N ARG A 77 15.62 -19.64 6.50
CA ARG A 77 16.59 -20.60 5.96
C ARG A 77 15.91 -21.83 5.36
N ILE A 78 14.83 -21.60 4.63
CA ILE A 78 14.05 -22.69 4.08
C ILE A 78 14.54 -23.11 2.70
N GLU A 79 14.38 -24.38 2.37
CA GLU A 79 14.73 -24.91 1.06
C GLU A 79 13.58 -25.74 0.51
N LEU A 80 12.95 -25.24 -0.55
CA LEU A 80 11.79 -25.92 -1.12
C LEU A 80 12.15 -26.87 -2.24
N GLN A 81 11.43 -27.97 -2.32
CA GLN A 81 11.58 -28.93 -3.41
C GLN A 81 10.20 -29.27 -3.95
N GLU A 82 9.95 -28.89 -5.19
CA GLU A 82 8.65 -29.12 -5.83
C GLU A 82 8.35 -30.60 -5.96
N TYR A 83 7.19 -31.02 -5.47
CA TYR A 83 6.74 -32.40 -5.59
C TYR A 83 6.31 -32.66 -7.03
N TYR A 84 7.13 -33.44 -7.74
CA TYR A 84 6.90 -33.72 -9.16
C TYR A 84 6.76 -32.45 -9.99
N GLU A 85 5.70 -32.38 -10.79
CA GLU A 85 5.44 -31.20 -11.62
C GLU A 85 4.13 -30.54 -11.21
N THR A 86 3.78 -30.68 -9.94
CA THR A 86 2.52 -30.16 -9.42
C THR A 86 2.49 -28.63 -9.38
N GLY A 87 3.47 -28.05 -8.71
CA GLY A 87 3.54 -26.59 -8.60
C GLY A 87 2.95 -26.08 -7.30
N ALA A 88 2.03 -26.84 -6.73
CA ALA A 88 1.36 -26.44 -5.49
C ALA A 88 1.94 -27.18 -4.29
N PHE A 89 2.46 -28.38 -4.54
CA PHE A 89 2.94 -29.24 -3.46
C PHE A 89 4.45 -29.30 -3.39
N TYR A 90 4.98 -29.22 -2.17
CA TYR A 90 6.42 -29.09 -1.96
C TYR A 90 6.90 -29.90 -0.76
N LEU A 91 8.18 -30.25 -0.78
CA LEU A 91 8.83 -30.81 0.41
C LEU A 91 9.68 -29.71 1.04
N VAL A 92 9.71 -29.66 2.36
CA VAL A 92 10.45 -28.61 3.05
C VAL A 92 11.74 -29.12 3.68
N LYS A 93 12.87 -28.57 3.24
CA LYS A 93 14.18 -28.92 3.77
C LYS A 93 14.83 -27.70 4.45
N PHE A 94 15.61 -27.96 5.49
CA PHE A 94 16.28 -26.92 6.25
C PHE A 94 17.76 -26.92 5.95
N LYS A 95 18.31 -25.72 5.84
CA LYS A 95 19.74 -25.56 5.56
C LYS A 95 20.56 -25.51 6.85
N PRO A 98 20.40 -26.82 10.91
CA PRO A 98 20.40 -25.49 11.56
C PRO A 98 20.60 -25.59 13.07
N ARG A 99 21.23 -26.67 13.51
CA ARG A 99 21.52 -26.91 14.93
C ARG A 99 20.26 -26.86 15.80
N GLY A 100 20.33 -26.11 16.91
CA GLY A 100 19.25 -26.06 17.88
C GLY A 100 18.12 -25.37 17.14
N ASN A 101 17.28 -26.19 16.48
CA ASN A 101 16.04 -25.73 15.87
C ASN A 101 14.92 -26.18 16.80
N PRO A 102 13.92 -25.30 17.01
CA PRO A 102 12.73 -25.65 17.81
C PRO A 102 11.87 -26.73 17.15
N LEU A 103 12.06 -26.96 15.84
CA LEU A 103 11.28 -27.95 15.12
C LEU A 103 12.16 -29.13 14.72
N SER A 104 13.33 -29.23 15.35
CA SER A 104 14.29 -30.28 15.01
C SER A 104 13.74 -31.66 15.31
N HIS A 105 12.77 -31.73 16.22
CA HIS A 105 12.14 -32.99 16.58
C HIS A 105 11.00 -33.32 15.62
N PHE A 106 10.77 -32.45 14.66
CA PHE A 106 9.79 -32.69 13.61
C PHE A 106 10.49 -33.11 12.32
N LEU A 107 11.82 -33.13 12.36
CA LEU A 107 12.60 -33.42 11.18
C LEU A 107 12.83 -34.92 10.97
N GLU A 108 12.77 -35.34 9.72
CA GLU A 108 13.18 -36.69 9.34
C GLU A 108 14.42 -36.55 8.46
N GLY A 109 15.56 -36.37 9.09
CA GLY A 109 16.79 -36.04 8.38
C GLY A 109 16.85 -34.53 8.17
N GLU A 110 16.70 -34.10 6.93
CA GLU A 110 16.61 -32.69 6.61
C GLU A 110 15.17 -32.32 6.26
N VAL A 111 14.33 -33.33 6.06
CA VAL A 111 12.96 -33.13 5.63
C VAL A 111 12.02 -32.83 6.78
N LEU A 112 11.25 -31.74 6.65
CA LEU A 112 10.30 -31.35 7.67
C LEU A 112 8.99 -32.12 7.53
N SER A 113 8.63 -32.87 8.57
CA SER A 113 7.40 -33.65 8.55
C SER A 113 6.18 -32.82 8.95
N ALA A 114 5.25 -32.68 8.02
CA ALA A 114 3.99 -31.99 8.30
C ALA A 114 3.16 -32.78 9.30
N THR A 115 3.17 -34.11 9.17
CA THR A 115 2.39 -34.99 10.04
C THR A 115 2.82 -34.87 11.50
N LYS A 116 4.13 -34.89 11.74
CA LYS A 116 4.65 -34.80 13.10
C LYS A 116 4.39 -33.43 13.71
N MET A 117 4.56 -32.38 12.92
CA MET A 117 4.37 -31.02 13.40
C MET A 117 2.90 -30.75 13.70
N LEU A 118 2.03 -31.16 12.77
CA LEU A 118 0.59 -31.00 12.93
C LEU A 118 0.07 -31.81 14.12
N SER A 119 0.70 -32.97 14.36
CA SER A 119 0.33 -33.82 15.50
C SER A 119 0.52 -33.09 16.82
N LYS A 120 1.72 -32.54 17.02
CA LYS A 120 2.04 -31.83 18.25
C LYS A 120 1.22 -30.54 18.36
N PHE A 121 0.95 -29.91 17.22
CA PHE A 121 0.12 -28.72 17.15
C PHE A 121 -1.30 -29.03 17.64
N ARG A 122 -1.85 -30.14 17.17
CA ARG A 122 -3.17 -30.59 17.60
C ARG A 122 -3.19 -30.98 19.08
N LYS A 123 -2.11 -31.61 19.54
CA LYS A 123 -2.00 -32.02 20.93
C LYS A 123 -2.07 -30.83 21.89
N ILE A 124 -1.35 -29.76 21.55
CA ILE A 124 -1.34 -28.55 22.37
C ILE A 124 -2.72 -27.90 22.44
N ILE A 125 -3.35 -27.75 21.28
CA ILE A 125 -4.69 -27.17 21.20
C ILE A 125 -5.70 -27.99 21.98
N LYS A 126 -5.63 -29.31 21.82
CA LYS A 126 -6.55 -30.22 22.50
C LYS A 126 -6.43 -30.11 24.01
N GLU A 127 -5.20 -29.95 24.50
CA GLU A 127 -4.96 -29.81 25.93
C GLU A 127 -5.54 -28.51 26.48
N GLU A 128 -5.39 -27.43 25.72
CA GLU A 128 -5.89 -26.13 26.16
C GLU A 128 -7.41 -26.06 26.11
N VAL A 129 -7.99 -26.70 25.09
CA VAL A 129 -9.43 -26.72 24.92
C VAL A 129 -10.15 -27.38 26.11
N LYS A 130 -9.57 -28.46 26.64
CA LYS A 130 -10.18 -29.14 27.77
C LYS A 130 -10.14 -28.28 29.04
N GLU A 131 -9.30 -27.24 29.04
CA GLU A 131 -9.19 -26.34 30.17
C GLU A 131 -10.24 -25.23 30.10
N ILE A 132 -10.90 -25.11 28.96
CA ILE A 132 -11.93 -24.10 28.77
C ILE A 132 -13.24 -24.54 29.43
N LYS A 133 -13.72 -23.76 30.39
CA LYS A 133 -14.90 -24.12 31.15
C LYS A 133 -16.06 -23.16 30.95
N ASP A 134 -15.78 -21.99 30.37
CA ASP A 134 -16.80 -20.97 30.21
C ASP A 134 -17.47 -21.02 28.85
N ILE A 135 -16.91 -21.82 27.95
CA ILE A 135 -17.46 -21.95 26.60
C ILE A 135 -17.56 -23.43 26.23
N ASP A 136 -18.66 -23.82 25.60
CA ASP A 136 -18.86 -25.19 25.13
C ASP A 136 -18.09 -25.38 23.83
N VAL A 137 -16.84 -25.84 23.94
CA VAL A 137 -15.98 -26.01 22.78
C VAL A 137 -15.30 -27.38 22.78
N SER A 138 -15.28 -28.02 21.62
CA SER A 138 -14.62 -29.32 21.48
C SER A 138 -13.79 -29.38 20.20
N VAL A 139 -12.79 -30.26 20.18
CA VAL A 139 -11.94 -30.43 19.01
C VAL A 139 -12.43 -31.59 18.15
N GLU A 140 -12.75 -31.28 16.89
CA GLU A 140 -13.23 -32.29 15.95
C GLU A 140 -12.11 -33.26 15.58
N LYS A 141 -12.47 -34.52 15.36
CA LYS A 141 -11.49 -35.54 14.98
C LYS A 141 -10.81 -35.16 13.68
N GLU A 142 -9.52 -35.47 13.58
CA GLU A 142 -8.71 -35.15 12.40
C GLU A 142 -9.35 -35.67 11.12
N LYS A 143 -9.57 -34.77 10.17
CA LYS A 143 -10.19 -35.12 8.90
C LYS A 143 -9.14 -35.18 7.79
N PRO A 144 -9.17 -36.24 6.98
CA PRO A 144 -8.24 -36.42 5.85
C PRO A 144 -8.28 -35.25 4.87
N GLY A 145 -7.10 -34.77 4.48
CA GLY A 145 -7.01 -33.68 3.53
C GLY A 145 -7.07 -32.29 4.17
N SER A 146 -7.27 -32.26 5.49
CA SER A 146 -7.41 -31.00 6.21
C SER A 146 -6.13 -30.60 6.93
N PRO A 147 -5.66 -29.36 6.69
CA PRO A 147 -4.47 -28.80 7.33
C PRO A 147 -4.83 -28.10 8.64
N ALA A 148 -6.05 -28.29 9.12
CA ALA A 148 -6.53 -27.51 10.25
C ALA A 148 -7.01 -28.35 11.43
N VAL A 149 -6.84 -27.79 12.62
CA VAL A 149 -7.46 -28.33 13.82
C VAL A 149 -8.80 -27.63 13.98
N THR A 150 -9.88 -28.36 13.76
CA THR A 150 -11.20 -27.76 13.73
C THR A 150 -11.88 -27.75 15.10
N LEU A 151 -12.33 -26.58 15.51
CA LEU A 151 -13.04 -26.44 16.78
C LEU A 151 -14.55 -26.43 16.54
N LEU A 152 -15.28 -27.07 17.44
CA LEU A 152 -16.73 -27.02 17.39
C LEU A 152 -17.26 -26.28 18.62
N ILE A 153 -17.89 -25.14 18.37
CA ILE A 153 -18.42 -24.31 19.45
C ILE A 153 -19.94 -24.34 19.47
N ARG A 154 -20.51 -24.60 20.64
CA ARG A 154 -21.94 -24.48 20.85
C ARG A 154 -22.21 -23.14 21.56
N ASN A 155 -22.74 -22.18 20.81
CA ASN A 155 -22.87 -20.81 21.29
C ASN A 155 -24.24 -20.27 21.76
N PRO A 156 -25.31 -21.09 21.81
CA PRO A 156 -25.59 -22.51 21.56
C PRO A 156 -25.56 -22.89 20.09
N GLU A 157 -25.63 -21.89 19.21
CA GLU A 157 -25.56 -22.14 17.78
C GLU A 157 -24.20 -22.73 17.41
N GLU A 158 -24.21 -23.74 16.54
CA GLU A 158 -22.98 -24.42 16.16
C GLU A 158 -22.07 -23.52 15.33
N ILE A 159 -20.81 -23.45 15.75
CA ILE A 159 -19.82 -22.64 15.06
C ILE A 159 -18.54 -23.45 14.88
N SER A 160 -18.02 -23.47 13.66
CA SER A 160 -16.77 -24.17 13.38
C SER A 160 -15.63 -23.17 13.22
N VAL A 161 -14.51 -23.47 13.86
CA VAL A 161 -13.32 -22.63 13.73
C VAL A 161 -12.15 -23.48 13.25
N ASP A 162 -11.71 -23.23 12.02
CA ASP A 162 -10.55 -23.94 11.46
C ASP A 162 -9.27 -23.22 11.82
N ILE A 163 -8.49 -23.80 12.74
CA ILE A 163 -7.18 -23.27 13.07
C ILE A 163 -6.13 -23.92 12.19
N ILE A 164 -5.63 -23.15 11.22
CA ILE A 164 -4.73 -23.70 10.21
C ILE A 164 -3.27 -23.42 10.54
N LEU A 165 -2.49 -24.49 10.69
CA LEU A 165 -1.05 -24.38 10.87
C LEU A 165 -0.39 -24.01 9.55
N ALA A 166 0.42 -22.97 9.56
CA ALA A 166 1.10 -22.54 8.34
C ALA A 166 2.57 -22.17 8.59
N LEU A 167 3.41 -22.48 7.61
CA LEU A 167 4.79 -22.04 7.64
C LEU A 167 4.90 -20.73 6.87
N GLU A 168 5.58 -19.75 7.45
CA GLU A 168 5.76 -18.46 6.81
C GLU A 168 7.17 -18.30 6.25
N SER A 169 7.28 -18.07 4.95
CA SER A 169 8.57 -17.82 4.32
C SER A 169 8.56 -16.43 3.71
N LYS A 170 9.64 -15.67 3.93
CA LYS A 170 9.69 -14.28 3.50
C LYS A 170 10.51 -14.06 2.23
N GLY A 171 11.00 -15.15 1.64
CA GLY A 171 11.75 -15.06 0.40
C GLY A 171 10.82 -14.91 -0.79
N SER A 172 11.41 -14.88 -1.99
CA SER A 172 10.63 -14.82 -3.22
C SER A 172 9.67 -16.00 -3.33
N TRP A 173 8.52 -15.77 -3.95
CA TRP A 173 7.54 -16.83 -4.17
C TRP A 173 8.10 -17.90 -5.09
N PRO A 174 7.67 -19.16 -4.91
CA PRO A 174 8.16 -20.27 -5.74
C PRO A 174 7.94 -20.01 -7.22
N ILE A 175 8.82 -20.55 -8.06
CA ILE A 175 8.83 -20.25 -9.48
C ILE A 175 7.55 -20.68 -10.20
N SER A 176 6.80 -21.59 -9.59
CA SER A 176 5.54 -22.04 -10.17
C SER A 176 4.49 -20.93 -10.17
N THR A 177 4.72 -19.89 -9.37
CA THR A 177 3.77 -18.78 -9.25
C THR A 177 4.16 -17.59 -10.14
N LYS A 178 5.28 -17.70 -10.84
CA LYS A 178 5.83 -16.58 -11.60
C LYS A 178 4.87 -15.97 -12.62
N GLU A 179 4.13 -16.82 -13.32
CA GLU A 179 3.19 -16.35 -14.32
C GLU A 179 1.76 -16.34 -13.77
N GLY A 180 1.63 -16.46 -12.45
CA GLY A 180 0.35 -16.42 -11.80
C GLY A 180 -0.02 -15.00 -11.41
N LEU A 181 -1.13 -14.85 -10.70
CA LEU A 181 -1.63 -13.54 -10.26
C LEU A 181 -1.63 -12.52 -11.40
N PRO A 182 -2.40 -12.79 -12.48
CA PRO A 182 -2.38 -11.95 -13.66
C PRO A 182 -3.25 -10.70 -13.51
N ILE A 183 -2.87 -9.83 -12.58
CA ILE A 183 -3.67 -8.65 -12.24
C ILE A 183 -3.16 -7.36 -12.88
N GLN A 184 -2.23 -7.49 -13.83
CA GLN A 184 -1.56 -6.33 -14.44
C GLN A 184 -2.50 -5.30 -15.06
N GLY A 185 -3.54 -5.76 -15.75
CA GLY A 185 -4.48 -4.87 -16.40
C GLY A 185 -5.69 -4.58 -15.53
N TRP A 186 -5.65 -5.06 -14.30
CA TRP A 186 -6.77 -4.92 -13.38
C TRP A 186 -6.35 -4.09 -12.16
N LEU A 187 -5.49 -4.66 -11.31
CA LEU A 187 -5.02 -3.96 -10.11
C LEU A 187 -3.66 -3.30 -10.32
N GLY A 188 -2.96 -3.72 -11.38
CA GLY A 188 -1.73 -3.06 -11.75
C GLY A 188 -0.43 -3.72 -11.30
N THR A 189 0.67 -3.25 -11.86
CA THR A 189 1.99 -3.84 -11.62
C THR A 189 2.54 -3.53 -10.23
N LYS A 190 2.32 -2.31 -9.76
CA LYS A 190 2.77 -1.93 -8.43
C LYS A 190 2.08 -2.77 -7.35
N VAL A 191 0.78 -2.99 -7.50
CA VAL A 191 0.05 -3.84 -6.57
C VAL A 191 0.56 -5.29 -6.62
N ARG A 192 0.74 -5.82 -7.82
CA ARG A 192 1.24 -7.20 -7.98
C ARG A 192 2.62 -7.38 -7.36
N THR A 193 3.50 -6.42 -7.63
CA THR A 193 4.86 -6.46 -7.10
C THR A 193 4.86 -6.40 -5.57
N ASN A 194 4.04 -5.50 -5.02
CA ASN A 194 3.90 -5.39 -3.57
C ASN A 194 3.33 -6.66 -2.94
N LEU A 195 2.34 -7.25 -3.61
CA LEU A 195 1.72 -8.47 -3.09
C LEU A 195 2.72 -9.62 -3.04
N ARG A 196 3.60 -9.68 -4.04
CA ARG A 196 4.57 -10.76 -4.13
C ARG A 196 5.83 -10.49 -3.30
N ARG A 197 5.87 -9.34 -2.65
CA ARG A 197 6.93 -9.05 -1.68
C ARG A 197 6.44 -9.42 -0.27
N GLU A 198 5.20 -9.76 -0.18
CA GLU A 198 4.66 -10.30 1.01
C GLU A 198 5.12 -11.75 1.13
N PRO A 199 4.99 -12.31 2.40
CA PRO A 199 5.39 -13.71 2.52
C PRO A 199 4.50 -14.66 1.78
N PHE A 200 4.97 -15.85 1.52
CA PHE A 200 4.13 -16.93 1.10
C PHE A 200 3.97 -17.96 2.19
N TYR A 201 2.97 -18.80 2.07
CA TYR A 201 2.61 -19.69 3.12
C TYR A 201 2.51 -21.11 2.69
N LEU A 202 2.92 -22.00 3.56
CA LEU A 202 2.80 -23.42 3.36
C LEU A 202 1.99 -24.07 4.43
N VAL A 203 1.00 -24.85 4.04
CA VAL A 203 0.20 -25.62 4.99
C VAL A 203 0.30 -27.12 4.70
N PRO A 204 0.10 -27.96 5.73
CA PRO A 204 0.16 -29.41 5.53
C PRO A 204 -0.92 -29.91 4.57
N LYS A 205 -0.53 -30.71 3.58
CA LYS A 205 -1.51 -31.26 2.65
C LYS A 205 -2.31 -32.39 3.33
N ASN A 206 -1.63 -33.15 4.18
CA ASN A 206 -2.28 -34.08 5.11
C ASN A 206 -3.24 -35.09 4.50
N ALA A 207 -2.84 -35.74 3.41
CA ALA A 207 -3.66 -36.79 2.81
C ALA A 207 -3.39 -38.13 3.49
N LYS A 208 -4.37 -39.02 3.45
CA LYS A 208 -4.24 -40.33 4.07
C LYS A 208 -4.40 -41.46 3.06
N ASP A 209 -4.17 -41.14 1.80
CA ASP A 209 -4.32 -42.10 0.71
C ASP A 209 -3.21 -43.14 0.73
N GLY A 210 -2.13 -42.86 1.47
CA GLY A 210 -1.02 -43.79 1.58
C GLY A 210 0.05 -43.59 0.52
N ASN A 211 -0.11 -42.52 -0.27
CA ASN A 211 0.87 -42.22 -1.32
C ASN A 211 2.22 -41.80 -0.76
N SER A 212 3.23 -41.80 -1.62
CA SER A 212 4.58 -41.41 -1.21
C SER A 212 4.63 -39.97 -0.71
N PHE A 213 5.50 -39.73 0.27
CA PHE A 213 5.74 -38.41 0.85
C PHE A 213 4.53 -37.81 1.58
N GLN A 214 3.49 -38.60 1.80
CA GLN A 214 2.24 -38.07 2.34
C GLN A 214 2.42 -37.36 3.69
N GLY A 215 3.34 -37.77 4.50
CA GLY A 215 3.51 -37.12 5.77
C GLY A 215 4.40 -35.92 5.74
N GLU A 216 5.01 -35.70 4.61
CA GLU A 216 5.85 -34.57 4.45
C GLU A 216 5.59 -33.62 3.27
N THR A 217 4.42 -33.67 2.70
CA THR A 217 4.08 -32.81 1.62
C THR A 217 3.35 -31.58 2.16
N TRP A 218 3.80 -30.42 1.73
CA TRP A 218 3.15 -29.15 2.07
C TRP A 218 2.54 -28.54 0.82
N ARG A 219 1.50 -27.75 1.00
CA ARG A 219 0.88 -27.06 -0.13
C ARG A 219 0.87 -25.55 0.05
N LEU A 220 0.98 -24.82 -1.05
CA LEU A 220 0.96 -23.37 -1.02
C LEU A 220 -0.42 -22.83 -0.63
N SER A 221 -0.41 -21.76 0.16
CA SER A 221 -1.65 -21.07 0.52
C SER A 221 -1.51 -19.56 0.28
N PHE A 222 -2.48 -18.99 -0.41
CA PHE A 222 -2.46 -17.57 -0.73
C PHE A 222 -3.68 -16.86 -0.16
N SER A 223 -4.19 -17.39 0.96
CA SER A 223 -5.37 -16.84 1.62
C SER A 223 -5.21 -15.37 1.98
N HIS A 224 -3.99 -14.96 2.34
CA HIS A 224 -3.73 -13.57 2.70
C HIS A 224 -3.83 -12.65 1.48
N THR A 225 -3.25 -13.08 0.37
CA THR A 225 -3.32 -12.33 -0.88
C THR A 225 -4.75 -12.23 -1.38
N GLU A 226 -5.48 -13.33 -1.29
CA GLU A 226 -6.88 -13.36 -1.70
C GLU A 226 -7.70 -12.38 -0.86
N LYS A 227 -7.42 -12.34 0.44
CA LYS A 227 -8.10 -11.44 1.36
C LYS A 227 -7.87 -9.97 0.97
N TYR A 228 -6.62 -9.61 0.66
CA TYR A 228 -6.31 -8.26 0.23
C TYR A 228 -7.04 -7.92 -1.07
N ILE A 229 -7.01 -8.84 -2.03
CA ILE A 229 -7.66 -8.64 -3.31
C ILE A 229 -9.15 -8.38 -3.12
N LEU A 230 -9.81 -9.18 -2.28
CA LEU A 230 -11.22 -8.99 -1.99
C LEU A 230 -11.51 -7.60 -1.42
N ASN A 231 -10.60 -7.10 -0.60
CA ASN A 231 -10.78 -5.78 0.03
C ASN A 231 -10.32 -4.63 -0.87
N ASN A 232 -9.58 -4.97 -1.92
CA ASN A 232 -9.03 -3.98 -2.84
C ASN A 232 -9.22 -4.45 -4.27
N HIS A 233 -10.48 -4.58 -4.70
CA HIS A 233 -10.83 -5.33 -5.90
C HIS A 233 -11.13 -4.48 -7.12
N GLY A 234 -11.14 -3.16 -6.96
CA GLY A 234 -11.52 -2.27 -8.05
C GLY A 234 -10.34 -1.81 -8.86
N ILE A 235 -10.57 -1.50 -10.13
CA ILE A 235 -9.54 -0.86 -10.93
C ILE A 235 -9.39 0.59 -10.46
N GLU A 236 -10.49 1.20 -10.05
CA GLU A 236 -10.44 2.50 -9.40
C GLU A 236 -10.21 2.30 -7.91
N LYS A 237 -9.44 3.21 -7.31
CA LYS A 237 -9.07 3.09 -5.91
C LYS A 237 -10.25 3.33 -4.98
N THR A 238 -11.26 4.02 -5.49
CA THR A 238 -12.43 4.39 -4.69
C THR A 238 -13.58 3.40 -4.78
N CYS A 239 -13.36 2.27 -5.45
CA CYS A 239 -14.41 1.27 -5.64
C CYS A 239 -14.96 0.79 -4.31
N CYS A 240 -16.28 0.91 -4.15
CA CYS A 240 -16.99 0.51 -2.92
C CYS A 240 -16.61 1.34 -1.67
N GLU A 241 -15.88 2.44 -1.87
CA GLU A 241 -15.55 3.34 -0.78
C GLU A 241 -16.65 4.38 -0.57
N SER A 242 -16.54 5.15 0.52
CA SER A 242 -17.57 6.12 0.88
C SER A 242 -17.67 7.28 -0.11
N SER A 243 -16.55 7.61 -0.77
CA SER A 243 -16.58 8.63 -1.80
C SER A 243 -16.40 8.03 -3.19
N GLY A 244 -16.81 6.77 -3.34
CA GLY A 244 -16.76 6.08 -4.61
C GLY A 244 -18.08 5.46 -4.97
N ALA A 245 -18.06 4.54 -5.93
CA ALA A 245 -19.27 3.85 -6.38
C ALA A 245 -19.21 2.36 -6.03
N LYS A 246 -20.35 1.83 -5.59
CA LYS A 246 -20.47 0.40 -5.30
C LYS A 246 -20.38 -0.42 -6.59
N CYS A 247 -19.77 -1.60 -6.50
CA CYS A 247 -19.78 -2.56 -7.58
C CYS A 247 -20.48 -3.83 -7.11
N CYS A 248 -20.71 -4.78 -8.01
CA CYS A 248 -21.39 -6.01 -7.63
C CYS A 248 -20.48 -7.24 -7.66
N ARG A 249 -19.18 -7.03 -7.56
CA ARG A 249 -18.21 -8.13 -7.59
C ARG A 249 -18.42 -9.13 -6.45
N LYS A 250 -18.50 -8.64 -5.23
CA LYS A 250 -18.65 -9.51 -4.06
C LYS A 250 -19.99 -10.26 -4.02
N GLU A 251 -21.05 -9.59 -4.47
CA GLU A 251 -22.38 -10.21 -4.43
C GLU A 251 -22.51 -11.32 -5.46
N CYS A 252 -21.84 -11.17 -6.61
CA CYS A 252 -21.79 -12.23 -7.61
C CYS A 252 -21.11 -13.45 -7.02
N LEU A 253 -20.07 -13.21 -6.23
CA LEU A 253 -19.38 -14.29 -5.54
C LEU A 253 -20.29 -14.94 -4.53
N LYS A 254 -21.01 -14.12 -3.76
CA LYS A 254 -21.96 -14.63 -2.77
C LYS A 254 -23.04 -15.49 -3.43
N LEU A 255 -23.60 -15.00 -4.52
CA LEU A 255 -24.64 -15.73 -5.24
C LEU A 255 -24.14 -17.06 -5.79
N MET A 256 -22.92 -17.06 -6.29
CA MET A 256 -22.34 -18.26 -6.88
C MET A 256 -21.98 -19.27 -5.78
N LYS A 257 -21.50 -18.76 -4.65
CA LYS A 257 -21.24 -19.60 -3.48
C LYS A 257 -22.52 -20.28 -3.02
N TYR A 258 -23.61 -19.51 -3.00
CA TYR A 258 -24.89 -20.00 -2.52
C TYR A 258 -25.49 -21.06 -3.45
N LEU A 259 -25.33 -20.84 -4.75
CA LEU A 259 -25.83 -21.80 -5.74
C LEU A 259 -25.14 -23.15 -5.58
N LEU A 260 -23.83 -23.11 -5.36
CA LEU A 260 -23.06 -24.35 -5.22
C LEU A 260 -23.39 -25.07 -3.91
N GLU A 261 -23.51 -24.33 -2.82
CA GLU A 261 -23.80 -24.94 -1.52
C GLU A 261 -25.16 -25.61 -1.48
N GLN A 262 -26.18 -24.95 -2.03
CA GLN A 262 -27.52 -25.53 -2.08
C GLN A 262 -27.53 -26.79 -2.93
N LEU A 263 -26.71 -26.79 -3.99
CA LEU A 263 -26.59 -27.95 -4.86
C LEU A 263 -25.83 -29.08 -4.16
N LYS A 264 -24.76 -28.73 -3.45
CA LYS A 264 -23.95 -29.73 -2.75
C LYS A 264 -24.69 -30.39 -1.60
N LYS A 265 -25.71 -29.71 -1.08
CA LYS A 265 -26.46 -30.21 0.07
C LYS A 265 -27.22 -31.50 -0.24
N GLU A 266 -27.88 -31.56 -1.38
CA GLU A 266 -28.73 -32.70 -1.70
C GLU A 266 -28.19 -33.60 -2.80
N PHE A 267 -26.95 -33.36 -3.22
CA PHE A 267 -26.31 -34.20 -4.23
C PHE A 267 -24.90 -34.61 -3.80
N GLN A 268 -24.75 -35.87 -3.41
CA GLN A 268 -23.44 -36.39 -3.03
C GLN A 268 -22.49 -36.49 -4.22
N GLU A 269 -23.05 -36.44 -5.42
CA GLU A 269 -22.24 -36.46 -6.64
C GLU A 269 -21.43 -35.17 -6.74
N LEU A 270 -21.95 -34.11 -6.14
CA LEU A 270 -21.31 -32.81 -6.18
C LEU A 270 -20.25 -32.64 -5.10
N ASP A 271 -19.89 -33.75 -4.44
CA ASP A 271 -18.75 -33.76 -3.54
C ASP A 271 -17.49 -33.53 -4.37
N ALA A 272 -16.38 -33.24 -3.69
CA ALA A 272 -15.12 -32.89 -4.34
C ALA A 272 -15.19 -31.56 -5.10
N PHE A 273 -16.35 -30.91 -5.04
CA PHE A 273 -16.48 -29.52 -5.46
C PHE A 273 -16.49 -28.67 -4.20
N CYS A 274 -15.99 -27.44 -4.30
CA CYS A 274 -15.93 -26.57 -3.13
C CYS A 274 -16.01 -25.10 -3.52
N SER A 275 -16.11 -24.25 -2.50
CA SER A 275 -16.20 -22.81 -2.70
C SER A 275 -14.98 -22.26 -3.43
N TYR A 276 -13.82 -22.87 -3.21
CA TYR A 276 -12.59 -22.36 -3.80
C TYR A 276 -12.61 -22.42 -5.34
N HIS A 277 -13.34 -23.38 -5.89
CA HIS A 277 -13.52 -23.48 -7.33
C HIS A 277 -14.25 -22.26 -7.84
N VAL A 278 -15.31 -21.89 -7.13
CA VAL A 278 -16.11 -20.71 -7.43
C VAL A 278 -15.28 -19.44 -7.27
N LYS A 279 -14.52 -19.38 -6.19
CA LYS A 279 -13.68 -18.22 -5.89
C LYS A 279 -12.63 -18.03 -6.99
N THR A 280 -11.99 -19.13 -7.38
CA THR A 280 -10.98 -19.10 -8.41
C THR A 280 -11.56 -18.61 -9.73
N ALA A 281 -12.77 -19.08 -10.05
CA ALA A 281 -13.43 -18.72 -11.30
C ALA A 281 -13.70 -17.22 -11.40
N ILE A 282 -14.16 -16.61 -10.31
CA ILE A 282 -14.50 -15.19 -10.34
C ILE A 282 -13.24 -14.31 -10.35
N PHE A 283 -12.14 -14.83 -9.84
CA PHE A 283 -10.85 -14.14 -9.93
C PHE A 283 -10.43 -14.03 -11.40
N HIS A 284 -10.58 -15.12 -12.13
CA HIS A 284 -10.30 -15.10 -13.57
C HIS A 284 -11.27 -14.17 -14.28
N MET A 285 -12.51 -14.15 -13.81
CA MET A 285 -13.53 -13.29 -14.37
C MET A 285 -13.21 -11.82 -14.13
N TRP A 286 -12.75 -11.51 -12.92
CA TRP A 286 -12.37 -10.14 -12.57
C TRP A 286 -11.16 -9.69 -13.38
N THR A 287 -10.36 -10.65 -13.83
CA THR A 287 -9.21 -10.37 -14.67
C THR A 287 -9.63 -10.07 -16.09
N GLN A 288 -10.57 -10.85 -16.61
CA GLN A 288 -11.02 -10.66 -17.99
C GLN A 288 -11.91 -9.42 -18.13
N ASP A 289 -12.61 -9.07 -17.06
CA ASP A 289 -13.45 -7.86 -17.05
C ASP A 289 -13.02 -6.91 -15.93
N PRO A 290 -11.90 -6.20 -16.13
CA PRO A 290 -11.26 -5.42 -15.06
C PRO A 290 -11.98 -4.11 -14.71
N GLN A 291 -12.75 -3.56 -15.64
CA GLN A 291 -13.41 -2.27 -15.41
C GLN A 291 -14.52 -2.37 -14.35
N ASP A 292 -14.53 -1.41 -13.43
CA ASP A 292 -15.57 -1.36 -12.41
C ASP A 292 -16.95 -1.16 -13.02
N SER A 293 -17.00 -0.52 -14.19
CA SER A 293 -18.25 -0.30 -14.90
C SER A 293 -18.81 -1.61 -15.45
N GLN A 294 -17.96 -2.63 -15.58
CA GLN A 294 -18.39 -3.94 -16.01
C GLN A 294 -18.99 -4.71 -14.84
N TRP A 295 -19.02 -4.08 -13.67
CA TRP A 295 -19.57 -4.70 -12.47
C TRP A 295 -20.53 -3.77 -11.74
N ASP A 296 -21.31 -3.01 -12.50
CA ASP A 296 -22.29 -2.09 -11.95
C ASP A 296 -23.44 -2.87 -11.31
N PRO A 297 -23.89 -2.42 -10.12
CA PRO A 297 -25.02 -3.05 -9.40
C PRO A 297 -26.30 -3.10 -10.22
N ARG A 298 -26.46 -2.16 -11.15
CA ARG A 298 -27.63 -2.16 -12.04
C ARG A 298 -27.61 -3.36 -12.99
N ASN A 299 -26.43 -3.95 -13.18
CA ASN A 299 -26.30 -5.08 -14.09
C ASN A 299 -25.97 -6.38 -13.37
N LEU A 300 -26.48 -6.53 -12.15
CA LEU A 300 -26.23 -7.71 -11.33
C LEU A 300 -26.62 -9.01 -12.03
N SER A 301 -27.78 -9.01 -12.68
CA SER A 301 -28.29 -10.20 -13.37
C SER A 301 -27.37 -10.66 -14.49
N SER A 302 -26.93 -9.71 -15.31
CA SER A 302 -26.04 -10.03 -16.42
C SER A 302 -24.63 -10.40 -15.94
N CYS A 303 -24.21 -9.78 -14.84
CA CYS A 303 -22.89 -10.07 -14.29
C CYS A 303 -22.84 -11.48 -13.71
N PHE A 304 -23.92 -11.89 -13.05
CA PHE A 304 -24.01 -13.22 -12.47
C PHE A 304 -24.14 -14.28 -13.55
N ASP A 305 -24.82 -13.94 -14.64
CA ASP A 305 -25.05 -14.88 -15.73
C ASP A 305 -23.75 -15.19 -16.48
N LYS A 306 -22.92 -14.18 -16.67
CA LYS A 306 -21.66 -14.38 -17.38
C LYS A 306 -20.65 -15.14 -16.53
N LEU A 307 -20.79 -15.03 -15.21
CA LEU A 307 -19.97 -15.80 -14.29
C LEU A 307 -20.34 -17.27 -14.41
N LEU A 308 -21.65 -17.53 -14.50
CA LEU A 308 -22.15 -18.88 -14.70
C LEU A 308 -21.65 -19.46 -16.02
N ALA A 309 -21.73 -18.65 -17.08
CA ALA A 309 -21.28 -19.07 -18.39
C ALA A 309 -19.79 -19.40 -18.39
N PHE A 310 -19.02 -18.59 -17.68
CA PHE A 310 -17.58 -18.83 -17.57
C PHE A 310 -17.32 -20.13 -16.82
N PHE A 311 -18.05 -20.33 -15.74
CA PHE A 311 -17.91 -21.53 -14.93
C PHE A 311 -18.28 -22.78 -15.72
N LEU A 312 -19.39 -22.73 -16.44
CA LEU A 312 -19.84 -23.84 -17.27
C LEU A 312 -18.82 -24.23 -18.33
N GLU A 313 -18.18 -23.23 -18.92
CA GLU A 313 -17.14 -23.46 -19.92
C GLU A 313 -15.92 -24.10 -19.29
N CYS A 314 -15.66 -23.78 -18.02
CA CYS A 314 -14.57 -24.40 -17.29
C CYS A 314 -14.83 -25.89 -17.06
N LEU A 315 -16.08 -26.24 -16.79
CA LEU A 315 -16.48 -27.63 -16.67
C LEU A 315 -16.36 -28.37 -18.00
N ARG A 316 -16.85 -27.74 -19.07
CA ARG A 316 -16.90 -28.39 -20.38
C ARG A 316 -15.50 -28.73 -20.89
N THR A 317 -14.55 -27.83 -20.66
CA THR A 317 -13.18 -28.03 -21.13
C THR A 317 -12.32 -28.70 -20.07
N GLU A 318 -12.92 -28.94 -18.90
CA GLU A 318 -12.21 -29.53 -17.77
C GLU A 318 -10.96 -28.74 -17.42
N LYS A 319 -11.08 -27.42 -17.38
CA LYS A 319 -9.93 -26.56 -17.13
C LYS A 319 -10.26 -25.38 -16.23
N LEU A 320 -9.71 -25.40 -15.02
CA LEU A 320 -9.83 -24.28 -14.09
C LEU A 320 -8.48 -24.06 -13.42
N ASP A 321 -7.65 -23.22 -14.02
CA ASP A 321 -6.31 -22.97 -13.53
C ASP A 321 -6.33 -22.27 -12.17
N HIS A 322 -5.50 -22.75 -11.25
CA HIS A 322 -5.29 -22.06 -9.99
C HIS A 322 -4.83 -20.64 -10.30
N TYR A 323 -5.43 -19.66 -9.64
CA TYR A 323 -5.17 -18.26 -9.99
C TYR A 323 -3.73 -17.85 -9.71
N PHE A 324 -3.09 -18.52 -8.76
CA PHE A 324 -1.73 -18.20 -8.37
C PHE A 324 -0.72 -19.17 -8.97
N ILE A 325 -1.20 -20.35 -9.36
CA ILE A 325 -0.34 -21.39 -9.89
C ILE A 325 -0.94 -21.95 -11.19
N PRO A 326 -0.59 -21.35 -12.33
CA PRO A 326 -1.16 -21.68 -13.64
C PRO A 326 -1.09 -23.15 -14.01
N LYS A 327 -0.04 -23.84 -13.57
CA LYS A 327 0.14 -25.27 -13.86
C LYS A 327 -0.93 -26.13 -13.19
N PHE A 328 -1.46 -25.66 -12.06
CA PHE A 328 -2.37 -26.47 -11.26
C PHE A 328 -3.82 -26.37 -11.75
N ASN A 329 -4.27 -27.40 -12.46
CA ASN A 329 -5.65 -27.46 -12.95
C ASN A 329 -6.59 -28.03 -11.90
N LEU A 330 -7.50 -27.19 -11.41
CA LEU A 330 -8.46 -27.59 -10.39
C LEU A 330 -9.51 -28.55 -10.95
N PHE A 331 -9.64 -28.55 -12.28
CA PHE A 331 -10.61 -29.43 -12.94
C PHE A 331 -9.97 -30.51 -13.79
N SER A 332 -8.86 -31.07 -13.31
CA SER A 332 -8.20 -32.15 -14.03
C SER A 332 -9.06 -33.41 -14.00
N GLN A 333 -8.64 -34.45 -14.73
CA GLN A 333 -9.31 -35.73 -14.66
C GLN A 333 -9.02 -36.34 -13.29
N GLU A 334 -7.81 -36.12 -12.81
CA GLU A 334 -7.48 -36.37 -11.41
C GLU A 334 -8.28 -35.36 -10.59
N LEU A 335 -8.37 -35.57 -9.29
CA LEU A 335 -9.18 -34.72 -8.40
C LEU A 335 -10.68 -34.83 -8.66
N ILE A 336 -11.11 -34.56 -9.88
CA ILE A 336 -12.53 -34.55 -10.23
C ILE A 336 -12.85 -35.39 -11.46
N ASP A 337 -13.66 -36.42 -11.28
CA ASP A 337 -14.07 -37.28 -12.38
C ASP A 337 -14.95 -36.55 -13.39
N ARG A 338 -14.91 -36.99 -14.65
CA ARG A 338 -15.66 -36.37 -15.73
C ARG A 338 -17.17 -36.43 -15.45
N LYS A 339 -17.61 -37.53 -14.86
CA LYS A 339 -19.01 -37.73 -14.52
C LYS A 339 -19.52 -36.62 -13.59
N SER A 340 -18.64 -36.11 -12.74
CA SER A 340 -19.00 -35.10 -11.76
C SER A 340 -19.22 -33.73 -12.41
N LYS A 341 -18.36 -33.39 -13.37
CA LYS A 341 -18.46 -32.10 -14.06
C LYS A 341 -19.72 -32.04 -14.90
N GLU A 342 -20.03 -33.15 -15.58
CA GLU A 342 -21.24 -33.26 -16.38
C GLU A 342 -22.47 -33.07 -15.51
N PHE A 343 -22.45 -33.68 -14.33
CA PHE A 343 -23.57 -33.61 -13.40
C PHE A 343 -23.81 -32.19 -12.90
N LEU A 344 -22.74 -31.53 -12.48
CA LEU A 344 -22.83 -30.15 -12.01
C LEU A 344 -23.29 -29.22 -13.13
N SER A 345 -22.77 -29.47 -14.33
CA SER A 345 -23.19 -28.72 -15.51
C SER A 345 -24.67 -28.98 -15.76
N LYS A 346 -25.10 -30.21 -15.50
CA LYS A 346 -26.49 -30.60 -15.71
C LYS A 346 -27.44 -30.05 -14.64
N LYS A 347 -26.88 -29.49 -13.57
CA LYS A 347 -27.70 -28.91 -12.52
C LYS A 347 -27.64 -27.38 -12.54
N ILE A 348 -26.56 -26.83 -13.10
CA ILE A 348 -26.40 -25.39 -13.18
C ILE A 348 -27.29 -24.75 -14.26
N GLU A 349 -27.28 -25.30 -15.47
CA GLU A 349 -28.08 -24.76 -16.56
C GLU A 349 -29.57 -24.89 -16.25
N TYR A 350 -29.94 -25.97 -15.55
CA TYR A 350 -31.31 -26.16 -15.10
C TYR A 350 -31.75 -25.01 -14.21
N GLU A 351 -30.93 -24.70 -13.20
CA GLU A 351 -31.19 -23.57 -12.31
C GLU A 351 -31.16 -22.27 -13.10
N ARG A 352 -30.21 -22.17 -14.01
CA ARG A 352 -30.02 -20.98 -14.82
C ARG A 352 -31.21 -20.70 -15.74
N ASN A 353 -31.81 -21.75 -16.27
CA ASN A 353 -32.91 -21.62 -17.22
C ASN A 353 -34.28 -21.51 -16.56
N ASN A 354 -34.40 -22.01 -15.33
CA ASN A 354 -35.68 -22.03 -14.63
C ASN A 354 -35.78 -20.95 -13.54
N GLY A 355 -35.04 -19.86 -13.72
CA GLY A 355 -35.10 -18.74 -12.80
C GLY A 355 -34.62 -19.06 -11.40
N PHE A 356 -33.72 -20.03 -11.29
CA PHE A 356 -33.13 -20.44 -10.01
C PHE A 356 -34.16 -20.81 -8.94
N PRO A 357 -34.85 -21.96 -9.12
CA PRO A 357 -35.80 -22.41 -8.11
C PRO A 357 -35.13 -22.83 -6.80
N ILE A 358 -33.87 -23.27 -6.87
CA ILE A 358 -33.18 -23.76 -5.69
C ILE A 358 -32.84 -22.65 -4.69
N PHE A 359 -32.94 -21.40 -5.14
CA PHE A 359 -32.73 -20.26 -4.25
C PHE A 359 -33.85 -20.15 -3.22
N ASP A 360 -34.97 -20.81 -3.49
CA ASP A 360 -36.11 -20.82 -2.58
C ASP A 360 -36.06 -22.04 -1.67
N SER B 1 0.43 26.53 -27.92
CA SER B 1 -0.11 25.65 -28.89
C SER B 1 0.27 24.23 -28.54
N PRO B 2 -0.62 23.25 -28.98
CA PRO B 2 -0.14 21.89 -28.75
C PRO B 2 1.30 21.61 -29.16
N ASP B 3 1.69 21.98 -30.37
CA ASP B 3 2.99 21.65 -30.90
C ASP B 3 4.07 22.27 -30.07
N LYS B 4 3.82 23.45 -29.61
CA LYS B 4 4.73 24.15 -28.81
C LYS B 4 4.79 23.54 -27.44
N LEU B 5 3.72 22.97 -26.87
CA LEU B 5 4.03 22.52 -25.52
C LEU B 5 4.84 21.23 -25.60
N LYS B 6 4.63 20.48 -26.67
CA LYS B 6 5.36 19.23 -26.90
C LYS B 6 6.84 19.50 -27.13
N LYS B 7 7.15 20.57 -27.86
CA LYS B 7 8.54 20.96 -28.10
C LYS B 7 9.23 21.36 -26.80
N VAL B 8 8.49 22.05 -25.93
CA VAL B 8 9.01 22.47 -24.64
C VAL B 8 9.31 21.28 -23.75
N LEU B 9 8.39 20.31 -23.72
CA LEU B 9 8.57 19.10 -22.92
C LEU B 9 9.79 18.31 -23.38
N ASP B 10 10.05 18.31 -24.69
CA ASP B 10 11.24 17.67 -25.24
C ASP B 10 12.51 18.35 -24.76
N LYS B 11 12.43 19.67 -24.61
CA LYS B 11 13.57 20.45 -24.14
C LYS B 11 13.81 20.22 -22.64
N LEU B 12 12.72 20.11 -21.89
CA LEU B 12 12.79 19.97 -20.44
C LEU B 12 13.14 18.56 -20.01
N ARG B 13 12.95 17.60 -20.92
CA ARG B 13 13.18 16.19 -20.63
C ARG B 13 14.65 15.95 -20.28
N LEU B 14 14.89 15.16 -19.23
CA LEU B 14 16.26 14.87 -18.79
C LEU B 14 16.95 13.85 -19.69
N LYS B 15 18.27 13.97 -19.81
CA LYS B 15 19.08 13.00 -20.55
C LYS B 15 19.63 11.96 -19.59
N ARG B 16 19.53 10.69 -19.98
CA ARG B 16 20.00 9.60 -19.11
C ARG B 16 21.49 9.74 -18.76
N LYS B 17 22.28 10.19 -19.73
CA LYS B 17 23.71 10.40 -19.52
C LYS B 17 23.97 11.45 -18.44
N ASP B 18 23.19 12.53 -18.45
CA ASP B 18 23.30 13.58 -17.44
C ASP B 18 22.89 13.03 -16.06
N ILE B 19 21.80 12.28 -16.05
CA ILE B 19 21.31 11.65 -14.82
C ILE B 19 22.35 10.72 -14.20
N SER B 20 22.96 9.89 -15.03
CA SER B 20 23.95 8.93 -14.56
C SER B 20 25.17 9.61 -13.92
N GLU B 21 25.72 10.60 -14.61
CA GLU B 21 26.90 11.32 -14.10
C GLU B 21 26.57 12.13 -12.84
N ALA B 22 25.38 12.70 -12.80
CA ALA B 22 24.97 13.48 -11.64
C ALA B 22 24.70 12.59 -10.43
N ALA B 23 23.89 11.56 -10.63
CA ALA B 23 23.50 10.66 -9.56
C ALA B 23 24.68 9.94 -8.91
N GLU B 24 25.62 9.49 -9.73
CA GLU B 24 26.74 8.71 -9.19
C GLU B 24 27.62 9.55 -8.27
N THR B 25 27.73 10.85 -8.56
CA THR B 25 28.51 11.74 -7.71
C THR B 25 27.74 12.11 -6.46
N VAL B 26 26.48 12.51 -6.63
CA VAL B 26 25.60 12.85 -5.51
C VAL B 26 25.49 11.69 -4.52
N ASN B 27 25.31 10.48 -5.02
CA ASN B 27 25.17 9.31 -4.15
C ASN B 27 26.41 9.05 -3.30
N LYS B 28 27.59 9.26 -3.86
CA LYS B 28 28.83 9.10 -3.11
C LYS B 28 28.90 10.08 -1.93
N VAL B 29 28.64 11.35 -2.22
CA VAL B 29 28.69 12.38 -1.18
C VAL B 29 27.65 12.14 -0.09
N VAL B 30 26.41 11.89 -0.50
CA VAL B 30 25.31 11.69 0.45
C VAL B 30 25.54 10.47 1.34
N GLU B 31 26.01 9.38 0.74
CA GLU B 31 26.31 8.17 1.48
C GLU B 31 27.40 8.41 2.51
N ARG B 32 28.44 9.14 2.11
CA ARG B 32 29.55 9.47 3.00
C ARG B 32 29.09 10.33 4.18
N LEU B 33 28.23 11.30 3.89
CA LEU B 33 27.70 12.19 4.93
C LEU B 33 26.79 11.44 5.90
N LEU B 34 25.91 10.60 5.36
CA LEU B 34 25.02 9.78 6.18
C LEU B 34 25.84 8.89 7.10
N ARG B 35 26.93 8.36 6.57
CA ARG B 35 27.85 7.51 7.33
C ARG B 35 28.52 8.24 8.49
N ARG B 36 29.03 9.44 8.21
CA ARG B 36 29.64 10.28 9.25
C ARG B 36 28.67 10.54 10.40
N MET B 37 27.40 10.69 10.05
CA MET B 37 26.34 10.96 11.02
C MET B 37 26.16 9.80 11.99
N GLN B 38 26.58 8.62 11.57
CA GLN B 38 26.38 7.39 12.31
C GLN B 38 27.48 7.11 13.35
N LYS B 39 28.59 7.83 13.26
CA LYS B 39 29.74 7.56 14.11
C LYS B 39 29.46 7.83 15.58
N ARG B 40 30.30 7.29 16.47
CA ARG B 40 30.04 7.37 17.90
C ARG B 40 30.16 8.79 18.43
N GLU B 41 29.45 9.05 19.52
CA GLU B 41 29.38 10.38 20.14
C GLU B 41 28.68 11.41 19.25
N SER B 42 27.94 10.93 18.26
CA SER B 42 27.14 11.81 17.42
C SER B 42 25.69 11.80 17.91
N GLU B 43 25.11 12.99 18.05
CA GLU B 43 23.74 13.10 18.53
C GLU B 43 22.74 12.78 17.42
N PHE B 44 23.23 12.64 16.20
CA PHE B 44 22.38 12.32 15.07
C PHE B 44 22.55 10.87 14.62
N LYS B 45 23.02 10.01 15.53
CA LYS B 45 23.40 8.65 15.19
C LYS B 45 22.31 7.82 14.48
N GLY B 46 21.06 8.00 14.88
CA GLY B 46 19.98 7.20 14.32
C GLY B 46 19.35 7.69 13.03
N VAL B 47 19.85 8.81 12.49
CA VAL B 47 19.21 9.41 11.31
C VAL B 47 19.18 8.47 10.11
N GLU B 48 18.13 8.55 9.34
CA GLU B 48 17.92 7.71 8.18
C GLU B 48 17.65 8.56 6.95
N GLN B 49 17.90 8.08 5.76
CA GLN B 49 17.80 8.86 4.53
C GLN B 49 16.46 8.71 3.83
N LEU B 50 15.91 9.83 3.38
CA LEU B 50 14.72 9.84 2.55
C LEU B 50 14.91 10.83 1.41
N ASN B 51 15.01 10.30 0.18
CA ASN B 51 15.14 11.14 -1.00
C ASN B 51 13.78 11.73 -1.40
N THR B 52 13.74 13.05 -1.53
CA THR B 52 12.50 13.75 -1.87
C THR B 52 12.73 14.82 -2.94
N GLY B 53 11.65 15.51 -3.30
CA GLY B 53 11.74 16.62 -4.23
C GLY B 53 11.54 16.21 -5.68
N SER B 54 11.72 17.18 -6.58
CA SER B 54 11.38 17.01 -7.99
C SER B 54 12.09 15.86 -8.68
N TYR B 55 13.41 15.74 -8.49
CA TYR B 55 14.18 14.69 -9.14
C TYR B 55 13.65 13.31 -8.82
N TYR B 56 13.38 13.06 -7.54
CA TYR B 56 12.90 11.76 -7.12
C TYR B 56 11.41 11.57 -7.39
N GLU B 57 10.73 12.65 -7.75
CA GLU B 57 9.32 12.58 -8.16
C GLU B 57 9.21 12.49 -9.68
N HIS B 58 10.35 12.54 -10.35
CA HIS B 58 10.43 12.55 -11.81
C HIS B 58 9.74 13.77 -12.43
N VAL B 59 9.82 14.91 -11.75
CA VAL B 59 9.31 16.16 -12.32
C VAL B 59 10.37 17.26 -12.37
N LYS B 60 11.64 16.85 -12.25
CA LYS B 60 12.75 17.78 -12.39
C LYS B 60 12.94 18.14 -13.85
N ILE B 61 12.98 19.44 -14.15
CA ILE B 61 13.07 19.89 -15.53
C ILE B 61 14.49 20.33 -15.92
N SER B 62 14.76 20.30 -17.22
CA SER B 62 15.99 20.83 -17.81
C SER B 62 17.28 20.05 -17.55
N ALA B 63 17.66 19.94 -16.28
CA ALA B 63 18.90 19.26 -15.92
C ALA B 63 18.82 18.68 -14.52
N PRO B 64 19.48 17.53 -14.30
CA PRO B 64 19.53 16.93 -12.96
C PRO B 64 20.56 17.64 -12.09
N ASN B 65 20.31 18.89 -11.74
CA ASN B 65 21.29 19.69 -11.00
C ASN B 65 20.83 20.16 -9.63
N GLU B 66 19.70 19.60 -9.17
CA GLU B 66 19.16 19.91 -7.85
C GLU B 66 18.58 18.65 -7.22
N PHE B 67 19.08 18.32 -6.02
CA PHE B 67 18.66 17.12 -5.31
C PHE B 67 18.26 17.47 -3.89
N ASP B 68 17.15 16.91 -3.42
CA ASP B 68 16.73 17.08 -2.03
C ASP B 68 16.85 15.76 -1.28
N VAL B 69 17.49 15.81 -0.12
CA VAL B 69 17.66 14.63 0.70
C VAL B 69 17.28 14.94 2.14
N MET B 70 16.41 14.12 2.72
CA MET B 70 16.00 14.30 4.10
C MET B 70 16.78 13.37 5.02
N PHE B 71 17.43 13.95 6.02
CA PHE B 71 18.03 13.15 7.09
C PHE B 71 17.08 13.19 8.29
N LYS B 72 16.29 12.14 8.46
CA LYS B 72 15.24 12.12 9.46
C LYS B 72 15.69 11.48 10.77
N LEU B 73 15.47 12.18 11.88
CA LEU B 73 15.84 11.68 13.20
C LEU B 73 14.57 11.39 13.98
N GLU B 74 14.41 10.15 14.40
CA GLU B 74 13.22 9.78 15.16
C GLU B 74 13.26 10.38 16.56
N VAL B 75 12.17 11.04 16.94
CA VAL B 75 12.07 11.66 18.25
C VAL B 75 10.86 11.15 19.02
N PRO B 76 10.99 9.97 19.65
CA PRO B 76 9.90 9.35 20.40
C PRO B 76 9.48 10.21 21.59
N ARG B 77 8.24 10.03 22.05
CA ARG B 77 7.71 10.73 23.21
C ARG B 77 7.84 12.25 23.10
N ILE B 78 7.26 12.80 22.04
CA ILE B 78 7.32 14.24 21.79
C ILE B 78 5.96 14.85 22.09
N GLU B 79 5.95 16.12 22.48
CA GLU B 79 4.69 16.85 22.62
C GLU B 79 4.76 18.19 21.89
N LEU B 80 3.80 18.41 20.99
CA LEU B 80 3.82 19.60 20.16
C LEU B 80 2.96 20.72 20.73
N GLN B 81 3.43 21.94 20.57
CA GLN B 81 2.64 23.13 20.87
C GLN B 81 2.50 23.94 19.60
N GLU B 82 1.27 24.06 19.09
CA GLU B 82 1.01 24.86 17.90
C GLU B 82 1.35 26.32 18.17
N TYR B 83 2.37 26.82 17.47
CA TYR B 83 2.80 28.21 17.62
C TYR B 83 1.69 29.13 17.15
N TYR B 84 1.09 29.85 18.10
CA TYR B 84 -0.06 30.70 17.85
C TYR B 84 -1.21 29.89 17.26
N GLU B 85 -1.88 30.46 16.26
CA GLU B 85 -2.95 29.77 15.54
C GLU B 85 -2.45 29.33 14.15
N THR B 86 -1.14 29.27 13.97
CA THR B 86 -0.52 29.05 12.66
C THR B 86 -0.94 27.72 11.98
N GLY B 87 -0.62 26.63 12.67
CA GLY B 87 -1.06 25.33 12.23
C GLY B 87 0.05 24.64 11.47
N ALA B 88 0.96 25.44 10.94
CA ALA B 88 2.11 24.89 10.24
C ALA B 88 3.36 24.96 11.10
N PHE B 89 3.36 25.87 12.08
CA PHE B 89 4.53 26.08 12.92
C PHE B 89 4.31 25.61 14.35
N TYR B 90 5.33 24.98 14.93
CA TYR B 90 5.20 24.33 16.22
C TYR B 90 6.43 24.53 17.11
N LEU B 91 6.21 24.45 18.42
CA LEU B 91 7.30 24.35 19.37
C LEU B 91 7.41 22.90 19.81
N VAL B 92 8.64 22.44 20.06
CA VAL B 92 8.88 21.04 20.41
C VAL B 92 9.35 20.88 21.85
N LYS B 93 8.64 20.06 22.61
CA LYS B 93 9.00 19.78 24.00
C LYS B 93 9.13 18.28 24.22
N PHE B 94 9.91 17.90 25.24
CA PHE B 94 10.12 16.49 25.56
C PHE B 94 9.45 16.09 26.86
N LYS B 95 9.06 14.82 26.95
CA LYS B 95 8.46 14.29 28.17
C LYS B 95 9.03 12.91 28.48
N PRO B 98 14.90 12.58 30.99
CA PRO B 98 14.68 12.08 29.64
C PRO B 98 15.14 10.63 29.52
N ARG B 99 15.42 10.20 28.30
CA ARG B 99 16.16 8.96 28.09
C ARG B 99 17.63 9.34 28.17
N GLY B 100 18.50 8.50 27.63
CA GLY B 100 19.90 8.88 27.46
C GLY B 100 20.01 9.83 26.28
N ASN B 101 19.11 10.81 26.24
CA ASN B 101 18.89 11.68 25.10
C ASN B 101 20.13 12.47 24.69
N PRO B 102 20.60 12.24 23.45
CA PRO B 102 21.72 13.00 22.88
C PRO B 102 21.29 14.38 22.40
N LEU B 103 19.99 14.68 22.48
CA LEU B 103 19.48 15.97 22.05
C LEU B 103 19.22 16.91 23.23
N SER B 104 19.59 16.46 24.44
CA SER B 104 19.42 17.28 25.64
C SER B 104 20.33 18.51 25.61
N HIS B 105 21.36 18.45 24.77
CA HIS B 105 22.31 19.55 24.63
C HIS B 105 21.69 20.67 23.80
N PHE B 106 20.61 20.34 23.09
CA PHE B 106 19.94 21.29 22.20
C PHE B 106 18.70 21.90 22.85
N LEU B 107 18.51 21.61 24.13
CA LEU B 107 17.34 22.11 24.85
C LEU B 107 17.52 23.53 25.37
N GLU B 108 16.70 24.45 24.87
CA GLU B 108 16.66 25.81 25.38
C GLU B 108 15.50 25.93 26.35
N GLY B 109 15.66 25.33 27.53
CA GLY B 109 14.58 25.21 28.49
C GLY B 109 13.98 23.83 28.41
N GLU B 110 12.67 23.75 28.22
CA GLU B 110 12.02 22.48 27.94
C GLU B 110 11.83 22.38 26.43
N VAL B 111 12.18 23.45 25.74
CA VAL B 111 11.97 23.56 24.30
C VAL B 111 13.19 23.07 23.53
N LEU B 112 12.94 22.41 22.40
CA LEU B 112 14.02 21.93 21.54
C LEU B 112 14.42 23.01 20.53
N SER B 113 15.68 23.43 20.59
CA SER B 113 16.17 24.49 19.72
C SER B 113 16.52 23.98 18.32
N ALA B 114 15.77 24.42 17.33
CA ALA B 114 16.06 24.09 15.94
C ALA B 114 17.41 24.65 15.51
N THR B 115 17.73 25.87 15.93
CA THR B 115 18.97 26.52 15.51
C THR B 115 20.21 25.87 16.12
N LYS B 116 20.11 25.43 17.38
CA LYS B 116 21.22 24.75 18.03
C LYS B 116 21.49 23.39 17.37
N MET B 117 20.43 22.67 17.06
CA MET B 117 20.54 21.36 16.42
C MET B 117 21.07 21.49 15.00
N LEU B 118 20.55 22.47 14.27
CA LEU B 118 20.95 22.73 12.90
C LEU B 118 22.41 23.17 12.82
N SER B 119 22.86 23.93 13.82
CA SER B 119 24.24 24.40 13.86
C SER B 119 25.22 23.25 14.01
N LYS B 120 24.88 22.30 14.88
CA LYS B 120 25.73 21.13 15.09
C LYS B 120 25.66 20.22 13.87
N PHE B 121 24.49 20.16 13.26
CA PHE B 121 24.28 19.36 12.05
C PHE B 121 25.16 19.89 10.92
N ARG B 122 25.14 21.20 10.73
CA ARG B 122 25.97 21.87 9.72
C ARG B 122 27.46 21.71 9.99
N LYS B 123 27.85 21.85 11.26
CA LYS B 123 29.24 21.74 11.65
C LYS B 123 29.83 20.37 11.29
N ILE B 124 29.03 19.33 11.51
CA ILE B 124 29.47 17.97 11.23
C ILE B 124 29.56 17.70 9.72
N ILE B 125 28.60 18.22 8.97
CA ILE B 125 28.62 18.13 7.52
C ILE B 125 29.85 18.82 6.94
N LYS B 126 30.11 20.04 7.39
CA LYS B 126 31.27 20.80 6.93
C LYS B 126 32.58 20.10 7.27
N GLU B 127 32.62 19.47 8.44
CA GLU B 127 33.80 18.74 8.88
C GLU B 127 34.11 17.58 7.94
N GLU B 128 33.06 16.88 7.51
CA GLU B 128 33.23 15.72 6.63
C GLU B 128 33.48 16.15 5.18
N VAL B 129 32.80 17.21 4.75
CA VAL B 129 32.98 17.75 3.40
C VAL B 129 34.44 18.14 3.16
N LYS B 130 35.09 18.70 4.17
CA LYS B 130 36.48 19.10 4.09
C LYS B 130 37.42 17.92 3.79
N GLU B 131 37.00 16.72 4.20
CA GLU B 131 37.83 15.53 4.01
C GLU B 131 37.63 14.88 2.63
N ILE B 132 36.66 15.38 1.87
CA ILE B 132 36.38 14.85 0.55
C ILE B 132 37.39 15.38 -0.47
N LYS B 133 38.16 14.47 -1.07
CA LYS B 133 39.24 14.88 -1.97
C LYS B 133 39.01 14.42 -3.41
N ASP B 134 38.05 13.54 -3.62
CA ASP B 134 37.81 12.99 -4.96
C ASP B 134 36.73 13.76 -5.72
N ILE B 135 35.97 14.55 -4.97
CA ILE B 135 34.86 15.32 -5.55
C ILE B 135 34.97 16.78 -5.14
N ASP B 136 34.77 17.68 -6.09
CA ASP B 136 34.77 19.12 -5.81
C ASP B 136 33.43 19.52 -5.20
N VAL B 137 33.40 19.58 -3.87
CA VAL B 137 32.17 19.89 -3.15
C VAL B 137 32.43 20.85 -1.99
N SER B 138 31.54 21.82 -1.82
CA SER B 138 31.63 22.78 -0.73
C SER B 138 30.26 23.00 -0.12
N VAL B 139 30.22 23.61 1.06
CA VAL B 139 28.96 23.89 1.73
C VAL B 139 28.58 25.36 1.55
N GLU B 140 27.37 25.59 1.05
CA GLU B 140 26.88 26.93 0.80
C GLU B 140 26.52 27.63 2.12
N LYS B 141 26.73 28.94 2.16
CA LYS B 141 26.33 29.76 3.31
C LYS B 141 24.86 29.54 3.65
N GLU B 142 24.57 29.47 4.95
CA GLU B 142 23.20 29.29 5.43
C GLU B 142 22.26 30.34 4.84
N LYS B 143 21.09 29.89 4.41
CA LYS B 143 20.09 30.79 3.82
C LYS B 143 18.88 30.91 4.74
N PRO B 144 18.40 32.14 4.96
CA PRO B 144 17.23 32.37 5.83
C PRO B 144 15.99 31.62 5.35
N GLY B 145 15.32 30.93 6.27
CA GLY B 145 14.11 30.20 5.95
C GLY B 145 14.38 28.77 5.52
N SER B 146 15.64 28.44 5.28
CA SER B 146 16.02 27.11 4.81
C SER B 146 16.30 26.16 5.98
N PRO B 147 15.66 24.98 5.95
CA PRO B 147 15.88 23.95 6.97
C PRO B 147 17.02 23.02 6.58
N ALA B 148 17.78 23.39 5.55
CA ALA B 148 18.75 22.47 4.98
C ALA B 148 20.18 22.99 4.98
N VAL B 149 21.14 22.06 5.01
CA VAL B 149 22.53 22.38 4.77
C VAL B 149 22.79 22.06 3.30
N THR B 150 23.13 23.07 2.51
CA THR B 150 23.21 22.91 1.07
C THR B 150 24.64 22.68 0.58
N LEU B 151 24.81 21.64 -0.23
CA LEU B 151 26.10 21.33 -0.81
C LEU B 151 26.18 21.85 -2.24
N LEU B 152 27.34 22.36 -2.61
CA LEU B 152 27.58 22.78 -3.98
C LEU B 152 28.62 21.89 -4.60
N ILE B 153 28.20 21.06 -5.54
CA ILE B 153 29.09 20.13 -6.21
C ILE B 153 29.42 20.65 -7.61
N ARG B 154 30.70 20.63 -7.97
CA ARG B 154 31.12 20.96 -9.31
C ARG B 154 31.57 19.69 -10.02
N ASN B 155 30.75 19.21 -10.94
CA ASN B 155 30.91 17.87 -11.50
C ASN B 155 31.54 17.67 -12.91
N PRO B 156 32.04 18.72 -13.58
CA PRO B 156 32.20 20.17 -13.33
C PRO B 156 30.87 20.91 -13.39
N GLU B 157 29.81 20.22 -13.83
CA GLU B 157 28.49 20.82 -13.84
C GLU B 157 28.05 21.12 -12.42
N GLU B 158 27.51 22.32 -12.21
CA GLU B 158 27.09 22.74 -10.88
C GLU B 158 25.87 21.96 -10.42
N ILE B 159 25.99 21.32 -9.27
CA ILE B 159 24.90 20.54 -8.69
C ILE B 159 24.68 20.98 -7.25
N SER B 160 23.44 21.25 -6.90
CA SER B 160 23.12 21.58 -5.51
C SER B 160 22.44 20.40 -4.84
N VAL B 161 22.83 20.13 -3.59
CA VAL B 161 22.20 19.07 -2.81
C VAL B 161 21.73 19.65 -1.49
N ASP B 162 20.42 19.63 -1.26
CA ASP B 162 19.86 20.10 0.01
C ASP B 162 19.74 18.95 0.99
N ILE B 163 20.54 18.97 2.04
CA ILE B 163 20.44 17.99 3.11
C ILE B 163 19.56 18.55 4.22
N ILE B 164 18.33 18.06 4.27
CA ILE B 164 17.33 18.61 5.17
C ILE B 164 17.30 17.85 6.49
N LEU B 165 17.51 18.58 7.58
CA LEU B 165 17.38 18.01 8.91
C LEU B 165 15.90 17.91 9.24
N ALA B 166 15.46 16.72 9.66
CA ALA B 166 14.06 16.53 9.99
C ALA B 166 13.87 15.66 11.23
N LEU B 167 12.90 16.03 12.06
CA LEU B 167 12.50 15.20 13.18
C LEU B 167 11.37 14.31 12.73
N GLU B 168 11.46 13.01 13.03
CA GLU B 168 10.41 12.08 12.67
C GLU B 168 9.57 11.70 13.88
N SER B 169 8.25 11.84 13.75
CA SER B 169 7.33 11.42 14.79
C SER B 169 6.32 10.45 14.20
N LYS B 170 6.15 9.30 14.85
CA LYS B 170 5.32 8.23 14.32
C LYS B 170 3.89 8.26 14.86
N GLY B 171 3.59 9.26 15.70
CA GLY B 171 2.24 9.44 16.21
C GLY B 171 1.32 9.99 15.15
N SER B 172 0.04 10.17 15.50
CA SER B 172 -0.93 10.73 14.57
C SER B 172 -0.60 12.18 14.26
N TRP B 173 -0.98 12.63 13.07
CA TRP B 173 -0.64 13.97 12.60
C TRP B 173 -1.37 15.04 13.41
N PRO B 174 -0.75 16.24 13.54
CA PRO B 174 -1.35 17.35 14.29
C PRO B 174 -2.74 17.70 13.76
N ILE B 175 -3.60 18.20 14.65
CA ILE B 175 -5.01 18.43 14.32
C ILE B 175 -5.24 19.41 13.16
N SER B 176 -4.27 20.29 12.93
CA SER B 176 -4.38 21.26 11.84
C SER B 176 -4.43 20.57 10.48
N THR B 177 -3.98 19.33 10.41
CA THR B 177 -3.98 18.58 9.15
C THR B 177 -5.19 17.67 8.97
N LYS B 178 -6.10 17.70 9.94
CA LYS B 178 -7.22 16.76 9.96
C LYS B 178 -8.16 16.91 8.77
N GLU B 179 -8.33 18.15 8.30
CA GLU B 179 -9.19 18.41 7.16
C GLU B 179 -8.38 18.54 5.88
N GLY B 180 -7.08 18.29 5.97
CA GLY B 180 -6.20 18.39 4.82
C GLY B 180 -6.22 17.12 3.99
N LEU B 181 -5.37 17.07 2.96
CA LEU B 181 -5.25 15.91 2.09
C LEU B 181 -6.61 15.41 1.57
N PRO B 182 -7.34 16.27 0.85
CA PRO B 182 -8.69 15.91 0.42
C PRO B 182 -8.69 15.01 -0.82
N ILE B 183 -8.13 13.81 -0.70
CA ILE B 183 -7.98 12.90 -1.83
C ILE B 183 -9.06 11.82 -1.87
N GLN B 184 -10.10 11.96 -1.05
CA GLN B 184 -11.10 10.90 -0.89
C GLN B 184 -11.81 10.49 -2.19
N GLY B 185 -12.10 11.47 -3.05
CA GLY B 185 -12.77 11.17 -4.31
C GLY B 185 -11.80 10.94 -5.45
N TRP B 186 -10.51 10.91 -5.12
CA TRP B 186 -9.46 10.81 -6.13
C TRP B 186 -8.62 9.54 -5.92
N LEU B 187 -7.84 9.53 -4.85
CA LEU B 187 -7.04 8.35 -4.52
C LEU B 187 -7.75 7.46 -3.51
N GLY B 188 -8.75 8.03 -2.84
CA GLY B 188 -9.61 7.25 -1.96
C GLY B 188 -9.29 7.31 -0.49
N THR B 189 -10.19 6.72 0.31
CA THR B 189 -10.10 6.76 1.77
C THR B 189 -9.05 5.83 2.35
N LYS B 190 -8.90 4.64 1.76
CA LYS B 190 -7.89 3.70 2.21
C LYS B 190 -6.49 4.27 2.01
N VAL B 191 -6.26 4.89 0.86
CA VAL B 191 -4.99 5.55 0.60
C VAL B 191 -4.73 6.68 1.59
N ARG B 192 -5.73 7.55 1.80
CA ARG B 192 -5.57 8.68 2.72
C ARG B 192 -5.25 8.22 4.13
N THR B 193 -5.98 7.22 4.60
CA THR B 193 -5.78 6.66 5.94
C THR B 193 -4.38 6.06 6.10
N ASN B 194 -3.92 5.33 5.09
CA ASN B 194 -2.59 4.74 5.11
C ASN B 194 -1.50 5.80 5.08
N LEU B 195 -1.71 6.85 4.30
CA LEU B 195 -0.74 7.94 4.22
C LEU B 195 -0.60 8.66 5.56
N ARG B 196 -1.72 8.79 6.28
CA ARG B 196 -1.72 9.48 7.56
C ARG B 196 -1.30 8.58 8.71
N ARG B 197 -1.01 7.32 8.41
CA ARG B 197 -0.44 6.40 9.40
C ARG B 197 1.07 6.36 9.27
N GLU B 198 1.59 7.02 8.23
CA GLU B 198 3.02 7.26 8.10
C GLU B 198 3.41 8.37 9.07
N PRO B 199 4.66 8.42 9.43
CA PRO B 199 5.12 9.48 10.30
C PRO B 199 4.89 10.83 9.67
N PHE B 200 4.98 11.84 10.49
CA PHE B 200 5.05 13.19 10.04
C PHE B 200 6.40 13.78 10.37
N TYR B 201 6.81 14.78 9.66
CA TYR B 201 8.12 15.36 9.85
C TYR B 201 8.09 16.83 10.20
N LEU B 202 8.98 17.25 11.08
CA LEU B 202 9.18 18.63 11.40
C LEU B 202 10.55 19.07 11.00
N VAL B 203 10.62 20.20 10.37
CA VAL B 203 11.90 20.77 9.93
C VAL B 203 12.05 22.17 10.49
N PRO B 204 13.30 22.64 10.67
CA PRO B 204 13.50 23.97 11.23
C PRO B 204 12.94 25.09 10.35
N LYS B 205 12.14 25.97 10.95
CA LYS B 205 11.62 27.13 10.23
C LYS B 205 12.79 28.04 9.82
N ASN B 206 13.69 28.28 10.77
CA ASN B 206 14.95 28.98 10.52
C ASN B 206 14.81 30.38 9.93
N ALA B 207 13.78 31.11 10.34
CA ALA B 207 13.62 32.49 9.91
C ALA B 207 14.54 33.40 10.72
N LYS B 208 15.01 34.48 10.09
CA LYS B 208 15.91 35.40 10.77
C LYS B 208 15.28 36.78 10.92
N ASP B 209 13.95 36.79 10.99
CA ASP B 209 13.20 38.03 11.11
C ASP B 209 13.34 38.64 12.52
N GLY B 210 13.76 37.82 13.47
CA GLY B 210 13.97 38.29 14.83
C GLY B 210 12.74 38.14 15.71
N ASN B 211 11.70 37.48 15.20
CA ASN B 211 10.49 37.26 15.98
C ASN B 211 10.73 36.34 17.17
N SER B 212 9.74 36.27 18.06
CA SER B 212 9.85 35.42 19.24
C SER B 212 9.94 33.95 18.86
N PHE B 213 10.72 33.19 19.63
CA PHE B 213 10.90 31.76 19.43
C PHE B 213 11.51 31.38 18.08
N GLN B 214 12.14 32.34 17.41
CA GLN B 214 12.64 32.09 16.04
C GLN B 214 13.66 30.95 16.00
N GLY B 215 14.38 30.75 17.10
CA GLY B 215 15.41 29.72 17.16
C GLY B 215 14.85 28.36 17.52
N GLU B 216 13.60 28.32 17.98
CA GLU B 216 13.01 27.06 18.40
C GLU B 216 11.68 26.76 17.72
N THR B 217 11.46 27.37 16.55
CA THR B 217 10.24 27.10 15.78
C THR B 217 10.50 26.08 14.68
N TRP B 218 9.64 25.06 14.63
CA TRP B 218 9.72 24.02 13.61
C TRP B 218 8.50 24.11 12.71
N ARG B 219 8.61 23.61 11.49
CA ARG B 219 7.46 23.58 10.59
C ARG B 219 7.23 22.18 10.00
N LEU B 220 5.96 21.87 9.76
CA LEU B 220 5.59 20.57 9.20
C LEU B 220 6.11 20.41 7.77
N SER B 221 6.50 19.19 7.44
CA SER B 221 6.91 18.86 6.08
C SER B 221 6.22 17.58 5.61
N PHE B 222 5.67 17.62 4.41
CA PHE B 222 4.93 16.49 3.88
C PHE B 222 5.57 15.99 2.58
N SER B 223 6.87 16.19 2.46
CA SER B 223 7.62 15.82 1.27
C SER B 223 7.52 14.33 0.94
N HIS B 224 7.43 13.51 1.98
CA HIS B 224 7.29 12.07 1.79
C HIS B 224 5.92 11.71 1.21
N THR B 225 4.89 12.37 1.72
CA THR B 225 3.53 12.14 1.26
C THR B 225 3.36 12.62 -0.17
N GLU B 226 3.96 13.76 -0.48
CA GLU B 226 3.88 14.34 -1.82
C GLU B 226 4.57 13.43 -2.83
N LYS B 227 5.69 12.84 -2.43
CA LYS B 227 6.43 11.91 -3.28
C LYS B 227 5.56 10.71 -3.66
N TYR B 228 4.90 10.13 -2.67
CA TYR B 228 4.02 8.98 -2.91
C TYR B 228 2.87 9.35 -3.85
N ILE B 229 2.28 10.52 -3.63
CA ILE B 229 1.17 10.97 -4.46
C ILE B 229 1.60 11.12 -5.92
N LEU B 230 2.74 11.77 -6.14
CA LEU B 230 3.29 11.91 -7.48
C LEU B 230 3.50 10.57 -8.18
N ASN B 231 3.91 9.56 -7.42
CA ASN B 231 4.17 8.23 -7.97
C ASN B 231 2.94 7.35 -8.05
N ASN B 232 1.86 7.80 -7.40
CA ASN B 232 0.61 7.07 -7.35
C ASN B 232 -0.54 8.05 -7.52
N HIS B 233 -0.66 8.61 -8.72
CA HIS B 233 -1.45 9.82 -8.93
C HIS B 233 -2.76 9.60 -9.66
N GLY B 234 -3.02 8.38 -10.10
CA GLY B 234 -4.22 8.09 -10.88
C GLY B 234 -5.37 7.60 -10.03
N ILE B 235 -6.59 7.82 -10.51
CA ILE B 235 -7.74 7.22 -9.85
C ILE B 235 -7.75 5.72 -10.18
N GLU B 236 -7.28 5.37 -11.37
CA GLU B 236 -7.08 3.98 -11.72
C GLU B 236 -5.69 3.54 -11.27
N LYS B 237 -5.60 2.31 -10.79
CA LYS B 237 -4.34 1.79 -10.27
C LYS B 237 -3.27 1.61 -11.35
N THR B 238 -3.70 1.66 -12.62
CA THR B 238 -2.79 1.43 -13.73
C THR B 238 -2.34 2.70 -14.48
N CYS B 239 -2.71 3.88 -13.99
CA CYS B 239 -2.30 5.12 -14.65
C CYS B 239 -0.78 5.23 -14.76
N CYS B 240 -0.30 5.40 -15.99
CA CYS B 240 1.13 5.49 -16.29
C CYS B 240 1.92 4.19 -16.03
N GLU B 241 1.21 3.07 -15.87
CA GLU B 241 1.86 1.76 -15.76
C GLU B 241 2.00 1.09 -17.13
N SER B 242 2.66 -0.06 -17.15
CA SER B 242 2.94 -0.77 -18.40
C SER B 242 1.70 -1.40 -19.04
N SER B 243 0.72 -1.77 -18.22
CA SER B 243 -0.54 -2.29 -18.75
C SER B 243 -1.68 -1.31 -18.48
N GLY B 244 -1.35 -0.03 -18.41
CA GLY B 244 -2.33 1.01 -18.21
C GLY B 244 -2.20 2.12 -19.25
N ALA B 245 -2.81 3.26 -18.98
CA ALA B 245 -2.75 4.39 -19.88
C ALA B 245 -1.91 5.52 -19.29
N LYS B 246 -1.10 6.15 -20.14
CA LYS B 246 -0.29 7.29 -19.72
C LYS B 246 -1.18 8.52 -19.52
N CYS B 247 -0.94 9.27 -18.44
CA CYS B 247 -1.64 10.55 -18.25
C CYS B 247 -0.69 11.72 -18.47
N CYS B 248 -1.22 12.94 -18.41
CA CYS B 248 -0.38 14.12 -18.60
C CYS B 248 -0.27 14.97 -17.34
N ARG B 249 -0.54 14.36 -16.19
CA ARG B 249 -0.48 15.07 -14.92
C ARG B 249 0.89 15.67 -14.63
N LYS B 250 1.94 14.87 -14.74
CA LYS B 250 3.30 15.31 -14.45
C LYS B 250 3.84 16.36 -15.42
N GLU B 251 3.47 16.23 -16.69
CA GLU B 251 3.92 17.17 -17.72
C GLU B 251 3.30 18.55 -17.56
N CYS B 252 2.05 18.60 -17.10
CA CYS B 252 1.41 19.86 -16.78
C CYS B 252 2.15 20.54 -15.65
N LEU B 253 2.60 19.75 -14.68
CA LEU B 253 3.37 20.27 -13.56
C LEU B 253 4.73 20.78 -14.04
N LYS B 254 5.37 20.05 -14.95
CA LYS B 254 6.63 20.49 -15.53
C LYS B 254 6.47 21.81 -16.27
N LEU B 255 5.43 21.89 -17.10
CA LEU B 255 5.15 23.10 -17.86
C LEU B 255 4.94 24.31 -16.96
N MET B 256 4.12 24.13 -15.93
CA MET B 256 3.82 25.23 -15.00
C MET B 256 5.07 25.66 -14.22
N LYS B 257 5.90 24.69 -13.84
CA LYS B 257 7.14 24.98 -13.16
C LYS B 257 8.08 25.79 -14.06
N TYR B 258 8.14 25.41 -15.32
CA TYR B 258 9.02 26.08 -16.28
C TYR B 258 8.55 27.51 -16.54
N LEU B 259 7.23 27.70 -16.58
CA LEU B 259 6.66 29.03 -16.79
C LEU B 259 7.03 29.96 -15.64
N LEU B 260 6.80 29.51 -14.41
CA LEU B 260 7.10 30.31 -13.24
C LEU B 260 8.59 30.61 -13.13
N GLU B 261 9.41 29.59 -13.35
CA GLU B 261 10.86 29.74 -13.28
C GLU B 261 11.38 30.74 -14.31
N GLN B 262 10.83 30.70 -15.52
CA GLN B 262 11.23 31.64 -16.57
C GLN B 262 10.76 33.06 -16.26
N LEU B 263 9.58 33.17 -15.67
CA LEU B 263 9.05 34.48 -15.29
C LEU B 263 9.85 35.06 -14.12
N LYS B 264 10.21 34.22 -13.16
CA LYS B 264 11.02 34.65 -12.03
C LYS B 264 12.43 35.06 -12.46
N LYS B 265 12.87 34.50 -13.59
CA LYS B 265 14.20 34.75 -14.11
C LYS B 265 14.44 36.22 -14.47
N GLU B 266 13.44 36.87 -15.05
CA GLU B 266 13.61 38.24 -15.50
C GLU B 266 12.77 39.25 -14.72
N PHE B 267 12.01 38.78 -13.75
CA PHE B 267 11.20 39.67 -12.92
C PHE B 267 11.50 39.47 -11.44
N GLN B 268 12.25 40.39 -10.85
CA GLN B 268 12.57 40.33 -9.42
C GLN B 268 11.34 40.57 -8.56
N GLU B 269 10.29 41.13 -9.17
CA GLU B 269 9.02 41.32 -8.49
C GLU B 269 8.36 39.99 -8.17
N LEU B 270 8.79 38.94 -8.88
CA LEU B 270 8.22 37.61 -8.69
C LEU B 270 8.98 36.78 -7.66
N ASP B 271 9.82 37.45 -6.87
CA ASP B 271 10.40 36.81 -5.71
C ASP B 271 9.26 36.54 -4.73
N ALA B 272 9.53 35.70 -3.74
CA ALA B 272 8.51 35.22 -2.79
C ALA B 272 7.52 34.23 -3.41
N PHE B 273 7.55 34.10 -4.74
CA PHE B 273 6.87 32.99 -5.40
C PHE B 273 7.87 31.85 -5.61
N CYS B 274 7.40 30.62 -5.50
CA CYS B 274 8.27 29.45 -5.66
C CYS B 274 7.52 28.27 -6.25
N SER B 275 8.26 27.24 -6.63
CA SER B 275 7.68 26.06 -7.29
C SER B 275 6.62 25.38 -6.43
N TYR B 276 6.72 25.52 -5.12
CA TYR B 276 5.76 24.89 -4.22
C TYR B 276 4.35 25.45 -4.36
N HIS B 277 4.24 26.72 -4.76
CA HIS B 277 2.93 27.31 -5.03
C HIS B 277 2.29 26.60 -6.21
N VAL B 278 3.11 26.30 -7.21
CA VAL B 278 2.68 25.59 -8.40
C VAL B 278 2.28 24.15 -8.07
N LYS B 279 3.11 23.50 -7.25
CA LYS B 279 2.86 22.13 -6.83
C LYS B 279 1.55 22.05 -6.04
N THR B 280 1.36 23.00 -5.12
CA THR B 280 0.14 23.06 -4.32
C THR B 280 -1.09 23.25 -5.21
N ALA B 281 -0.98 24.14 -6.17
CA ALA B 281 -2.09 24.44 -7.08
C ALA B 281 -2.54 23.21 -7.86
N ILE B 282 -1.58 22.44 -8.38
CA ILE B 282 -1.93 21.30 -9.21
C ILE B 282 -2.48 20.14 -8.38
N PHE B 283 -2.07 20.05 -7.12
CA PHE B 283 -2.66 19.08 -6.19
C PHE B 283 -4.15 19.35 -6.03
N HIS B 284 -4.51 20.61 -5.83
CA HIS B 284 -5.92 20.98 -5.76
C HIS B 284 -6.61 20.69 -7.09
N MET B 285 -5.89 20.89 -8.18
CA MET B 285 -6.42 20.63 -9.51
C MET B 285 -6.69 19.15 -9.72
N TRP B 286 -5.77 18.31 -9.26
CA TRP B 286 -5.91 16.86 -9.37
C TRP B 286 -7.08 16.37 -8.52
N THR B 287 -7.38 17.10 -7.46
CA THR B 287 -8.53 16.80 -6.61
C THR B 287 -9.82 17.22 -7.31
N GLN B 288 -9.79 18.38 -7.95
CA GLN B 288 -10.94 18.92 -8.66
C GLN B 288 -11.33 18.06 -9.86
N ASP B 289 -10.32 17.63 -10.62
CA ASP B 289 -10.55 16.74 -11.76
C ASP B 289 -9.82 15.41 -11.56
N PRO B 290 -10.46 14.49 -10.81
CA PRO B 290 -9.83 13.24 -10.37
C PRO B 290 -9.74 12.16 -11.45
N GLN B 291 -10.60 12.22 -12.45
CA GLN B 291 -10.63 11.20 -13.51
C GLN B 291 -9.37 11.23 -14.36
N ASP B 292 -8.80 10.06 -14.63
CA ASP B 292 -7.60 9.95 -15.47
C ASP B 292 -7.86 10.43 -16.89
N SER B 293 -9.09 10.24 -17.35
CA SER B 293 -9.49 10.68 -18.70
C SER B 293 -9.46 12.19 -18.81
N GLN B 294 -9.55 12.88 -17.68
CA GLN B 294 -9.47 14.33 -17.65
C GLN B 294 -8.02 14.81 -17.80
N TRP B 295 -7.09 13.85 -17.87
CA TRP B 295 -5.69 14.18 -18.03
C TRP B 295 -5.06 13.38 -19.17
N ASP B 296 -5.83 13.15 -20.22
CA ASP B 296 -5.34 12.47 -21.41
C ASP B 296 -4.27 13.31 -22.09
N PRO B 297 -3.18 12.66 -22.56
CA PRO B 297 -2.08 13.36 -23.23
C PRO B 297 -2.53 14.15 -24.45
N ARG B 298 -3.63 13.73 -25.07
CA ARG B 298 -4.17 14.44 -26.21
C ARG B 298 -4.80 15.77 -25.80
N ASN B 299 -5.07 15.92 -24.51
CA ASN B 299 -5.68 17.14 -24.01
C ASN B 299 -4.71 17.98 -23.17
N LEU B 300 -3.43 17.82 -23.46
CA LEU B 300 -2.37 18.53 -22.73
C LEU B 300 -2.57 20.05 -22.69
N SER B 301 -2.91 20.62 -23.83
CA SER B 301 -3.13 22.07 -23.93
C SER B 301 -4.30 22.52 -23.04
N SER B 302 -5.36 21.74 -23.04
CA SER B 302 -6.54 22.07 -22.24
C SER B 302 -6.26 21.94 -20.76
N CYS B 303 -5.54 20.89 -20.37
CA CYS B 303 -5.22 20.66 -18.97
C CYS B 303 -4.28 21.75 -18.43
N PHE B 304 -3.32 22.16 -19.25
CA PHE B 304 -2.41 23.22 -18.88
C PHE B 304 -3.17 24.54 -18.73
N ASP B 305 -4.10 24.78 -19.66
CA ASP B 305 -4.88 26.01 -19.63
C ASP B 305 -5.75 26.11 -18.37
N LYS B 306 -6.39 25.01 -18.00
CA LYS B 306 -7.26 25.00 -16.83
C LYS B 306 -6.45 25.07 -15.54
N LEU B 307 -5.21 24.60 -15.60
CA LEU B 307 -4.30 24.75 -14.47
C LEU B 307 -4.00 26.24 -14.30
N LEU B 308 -3.70 26.90 -15.43
CA LEU B 308 -3.41 28.32 -15.43
C LEU B 308 -4.58 29.15 -14.93
N ALA B 309 -5.79 28.79 -15.38
CA ALA B 309 -7.00 29.50 -14.97
C ALA B 309 -7.22 29.35 -13.48
N PHE B 310 -6.92 28.18 -12.94
CA PHE B 310 -7.09 27.92 -11.52
C PHE B 310 -6.10 28.76 -10.71
N PHE B 311 -4.86 28.80 -11.17
CA PHE B 311 -3.80 29.56 -10.52
C PHE B 311 -4.11 31.05 -10.54
N LEU B 312 -4.61 31.53 -11.67
CA LEU B 312 -5.02 32.92 -11.80
C LEU B 312 -6.13 33.27 -10.81
N GLU B 313 -7.07 32.35 -10.63
CA GLU B 313 -8.17 32.57 -9.69
C GLU B 313 -7.66 32.60 -8.25
N CYS B 314 -6.63 31.79 -7.97
CA CYS B 314 -5.99 31.80 -6.67
C CYS B 314 -5.32 33.14 -6.40
N LEU B 315 -4.69 33.70 -7.43
CA LEU B 315 -4.06 35.00 -7.33
C LEU B 315 -5.11 36.09 -7.06
N ARG B 316 -6.18 36.09 -7.85
CA ARG B 316 -7.21 37.11 -7.75
C ARG B 316 -7.88 37.13 -6.38
N THR B 317 -8.14 35.94 -5.84
CA THR B 317 -8.80 35.84 -4.53
C THR B 317 -7.79 35.85 -3.40
N GLU B 318 -6.51 35.93 -3.74
CA GLU B 318 -5.42 35.94 -2.78
C GLU B 318 -5.49 34.75 -1.82
N LYS B 319 -5.86 33.59 -2.36
CA LYS B 319 -6.08 32.41 -1.56
C LYS B 319 -5.52 31.15 -2.21
N LEU B 320 -4.51 30.56 -1.58
CA LEU B 320 -3.96 29.28 -2.00
C LEU B 320 -3.74 28.43 -0.76
N ASP B 321 -4.73 27.59 -0.44
CA ASP B 321 -4.66 26.76 0.76
C ASP B 321 -3.58 25.70 0.64
N HIS B 322 -2.78 25.55 1.70
CA HIS B 322 -1.83 24.46 1.79
C HIS B 322 -2.62 23.15 1.68
N TYR B 323 -2.13 22.23 0.87
CA TYR B 323 -2.87 21.01 0.57
C TYR B 323 -3.06 20.14 1.81
N PHE B 324 -2.11 20.21 2.74
CA PHE B 324 -2.13 19.39 3.94
C PHE B 324 -2.63 20.19 5.16
N ILE B 325 -2.58 21.50 5.07
CA ILE B 325 -2.98 22.38 6.16
C ILE B 325 -3.91 23.48 5.63
N PRO B 326 -5.21 23.20 5.56
CA PRO B 326 -6.22 24.07 4.94
C PRO B 326 -6.22 25.50 5.48
N LYS B 327 -5.96 25.64 6.78
CA LYS B 327 -5.94 26.94 7.44
C LYS B 327 -4.77 27.81 6.97
N PHE B 328 -3.73 27.17 6.47
CA PHE B 328 -2.53 27.90 6.04
C PHE B 328 -2.64 28.42 4.61
N ASN B 329 -2.83 29.73 4.48
CA ASN B 329 -2.94 30.38 3.18
C ASN B 329 -1.58 30.79 2.63
N LEU B 330 -1.15 30.11 1.57
CA LEU B 330 0.12 30.40 0.91
C LEU B 330 0.13 31.80 0.30
N PHE B 331 -1.06 32.28 -0.10
CA PHE B 331 -1.17 33.59 -0.74
C PHE B 331 -1.68 34.68 0.21
N SER B 332 -1.34 34.56 1.50
CA SER B 332 -1.75 35.58 2.47
C SER B 332 -1.02 36.90 2.24
N GLN B 333 -1.61 37.98 2.75
CA GLN B 333 -0.97 39.28 2.68
C GLN B 333 0.36 39.28 3.41
N GLU B 334 0.41 38.56 4.52
CA GLU B 334 1.59 38.51 5.36
C GLU B 334 2.76 37.86 4.63
N LEU B 335 2.47 36.87 3.81
CA LEU B 335 3.50 36.16 3.06
C LEU B 335 3.82 36.87 1.75
N ILE B 336 2.81 37.08 0.92
CA ILE B 336 3.01 37.70 -0.38
C ILE B 336 2.16 38.96 -0.51
N ASP B 337 2.82 40.08 -0.83
CA ASP B 337 2.13 41.35 -1.00
C ASP B 337 1.16 41.29 -2.17
N ARG B 338 0.03 41.98 -2.03
CA ARG B 338 -1.00 42.01 -3.06
C ARG B 338 -0.45 42.50 -4.40
N LYS B 339 0.45 43.48 -4.33
CA LYS B 339 1.12 44.00 -5.51
C LYS B 339 1.86 42.91 -6.27
N SER B 340 2.50 42.01 -5.53
CA SER B 340 3.25 40.92 -6.15
C SER B 340 2.33 39.91 -6.82
N LYS B 341 1.18 39.64 -6.21
CA LYS B 341 0.22 38.71 -6.78
C LYS B 341 -0.47 39.29 -8.01
N GLU B 342 -0.71 40.59 -8.00
CA GLU B 342 -1.31 41.26 -9.15
C GLU B 342 -0.33 41.29 -10.32
N PHE B 343 0.95 41.51 -10.00
CA PHE B 343 2.00 41.51 -11.00
C PHE B 343 2.11 40.16 -11.70
N LEU B 344 2.07 39.08 -10.94
CA LEU B 344 2.18 37.74 -11.51
C LEU B 344 0.99 37.40 -12.40
N SER B 345 -0.20 37.83 -11.99
CA SER B 345 -1.42 37.60 -12.76
C SER B 345 -1.31 38.17 -14.17
N LYS B 346 -0.88 39.42 -14.29
CA LYS B 346 -0.76 40.06 -15.59
C LYS B 346 0.27 39.35 -16.48
N LYS B 347 1.36 38.90 -15.88
CA LYS B 347 2.40 38.19 -16.63
C LYS B 347 1.90 36.82 -17.12
N ILE B 348 1.20 36.11 -16.25
CA ILE B 348 0.62 34.82 -16.62
C ILE B 348 -0.46 35.01 -17.68
N GLU B 349 -1.32 36.01 -17.47
CA GLU B 349 -2.35 36.35 -18.45
C GLU B 349 -1.74 36.66 -19.80
N TYR B 350 -0.65 37.43 -19.79
CA TYR B 350 0.02 37.82 -21.03
C TYR B 350 0.56 36.61 -21.79
N GLU B 351 1.25 35.73 -21.08
CA GLU B 351 1.80 34.52 -21.70
C GLU B 351 0.69 33.65 -22.27
N ARG B 352 -0.33 33.41 -21.45
CA ARG B 352 -1.48 32.60 -21.84
C ARG B 352 -2.22 33.18 -23.05
N ASN B 353 -2.37 34.50 -23.09
CA ASN B 353 -3.08 35.15 -24.19
C ASN B 353 -2.29 35.15 -25.49
N ASN B 354 -0.96 35.14 -25.39
CA ASN B 354 -0.11 35.23 -26.57
C ASN B 354 0.59 33.92 -26.93
N GLY B 355 0.09 32.81 -26.42
CA GLY B 355 0.61 31.50 -26.75
C GLY B 355 2.00 31.25 -26.20
N PHE B 356 2.29 31.85 -25.05
CA PHE B 356 3.54 31.64 -24.34
C PHE B 356 4.79 31.95 -25.17
N PRO B 357 5.02 33.24 -25.48
CA PRO B 357 6.26 33.60 -26.18
C PRO B 357 7.50 33.37 -25.33
N ILE B 358 7.33 33.27 -24.02
CA ILE B 358 8.47 33.05 -23.13
C ILE B 358 8.97 31.60 -23.22
N PHE B 359 8.18 30.74 -23.84
CA PHE B 359 8.56 29.33 -23.99
C PHE B 359 9.51 29.07 -25.17
N ASP B 360 9.85 30.12 -25.91
CA ASP B 360 10.75 29.97 -27.05
C ASP B 360 11.86 31.01 -27.07
ZN ZN G . -16.20 -2.53 -5.52
ZN ZN H . 0.47 6.77 -10.79
#